data_2GZ1
#
_entry.id   2GZ1
#
_cell.length_a   59.709
_cell.length_b   99.165
_cell.length_c   64.525
_cell.angle_alpha   90.00
_cell.angle_beta   100.83
_cell.angle_gamma   90.00
#
_symmetry.space_group_name_H-M   'P 1 21 1'
#
loop_
_entity.id
_entity.type
_entity.pdbx_description
1 polymer 'Aspartate beta-semialdehyde dehydrogenase'
2 non-polymer 'NADP NICOTINAMIDE-ADENINE-DINUCLEOTIDE PHOSPHATE'
3 water water
#
_entity_poly.entity_id   1
_entity_poly.type   'polypeptide(L)'
_entity_poly.pdbx_seq_one_letter_code
;MGYTVAVVGATGAVGAQMIKMLEESTLPIDKIRYLASARSAGKSLKFKDQDITIEETTETAFEGVDIALFSAGSSTSAKY
APYAVKAGVVVVDNTSYFRQNPDVPLVVPEVNAHALDAHNGIIACPNCSTIQMMVALEPVRQKWGLDRIIVSTYQAVSGA
GMGAILETQRELREVLNDGVKPCDLHAEILPSGGDKKHYPIAFNALPQIDVFTDNDYTYEEMKMTKETKKIMEDDSIAVS
ATCVRIPVLSAHSESVYIETKEVAPIEEVKAAIAAFPGAVLEDDVAHQIYPQAINAVGSRDTFVGRIRKDLDAEKGIHMW
VVSDNLLKGAAWNSVQIAETLHERGLVRPTAELKFELKLEHHHHHH
;
_entity_poly.pdbx_strand_id   A,B
#
# COMPACT_ATOMS: atom_id res chain seq x y z
N GLY A 2 -28.21 32.86 -14.30
CA GLY A 2 -27.34 31.66 -14.21
C GLY A 2 -25.99 31.89 -14.83
N TYR A 3 -25.14 30.86 -14.80
CA TYR A 3 -23.78 30.99 -15.27
C TYR A 3 -23.55 30.27 -16.59
N THR A 4 -22.56 30.76 -17.32
CA THR A 4 -21.93 29.99 -18.37
C THR A 4 -20.73 29.30 -17.77
N VAL A 5 -20.71 27.98 -17.86
CA VAL A 5 -19.67 27.16 -17.27
C VAL A 5 -18.94 26.37 -18.34
N ALA A 6 -17.61 26.43 -18.30
CA ALA A 6 -16.74 25.72 -19.22
C ALA A 6 -16.03 24.60 -18.47
N VAL A 7 -16.07 23.40 -19.03
CA VAL A 7 -15.26 22.29 -18.53
C VAL A 7 -14.12 22.10 -19.52
N VAL A 8 -12.89 22.38 -19.09
CA VAL A 8 -11.71 22.27 -19.93
C VAL A 8 -11.04 20.94 -19.60
N GLY A 9 -11.01 20.03 -20.56
CA GLY A 9 -10.60 18.66 -20.34
C GLY A 9 -11.80 17.77 -20.11
N ALA A 10 -12.89 18.06 -20.80
CA ALA A 10 -14.16 17.36 -20.59
C ALA A 10 -14.11 15.89 -20.97
N THR A 11 -13.15 15.50 -21.80
CA THR A 11 -13.04 14.11 -22.30
C THR A 11 -12.20 13.18 -21.42
N GLY A 12 -11.48 13.74 -20.45
CA GLY A 12 -10.59 12.94 -19.61
C GLY A 12 -11.27 12.24 -18.45
N ALA A 13 -10.48 11.57 -17.62
CA ALA A 13 -10.98 10.87 -16.44
C ALA A 13 -11.67 11.81 -15.46
N VAL A 14 -11.03 12.92 -15.12
CA VAL A 14 -11.63 13.89 -14.21
C VAL A 14 -12.79 14.63 -14.89
N GLY A 15 -12.59 15.03 -16.15
CA GLY A 15 -13.60 15.75 -16.91
C GLY A 15 -14.93 15.03 -16.98
N ALA A 16 -14.89 13.71 -17.16
CA ALA A 16 -16.10 12.91 -17.18
C ALA A 16 -16.84 13.00 -15.84
N GLN A 17 -16.10 12.99 -14.75
CA GLN A 17 -16.70 13.13 -13.44
C GLN A 17 -17.07 14.59 -13.15
N MET A 18 -16.39 15.53 -13.79
CA MET A 18 -16.79 16.92 -13.67
C MET A 18 -18.18 17.11 -14.27
N ILE A 19 -18.40 16.51 -15.44
CA ILE A 19 -19.72 16.53 -16.06
C ILE A 19 -20.76 15.96 -15.10
N LYS A 20 -20.52 14.78 -14.53
CA LYS A 20 -21.48 14.17 -13.61
C LYS A 20 -21.78 15.04 -12.39
N MET A 21 -20.73 15.60 -11.79
CA MET A 21 -20.89 16.42 -10.60
C MET A 21 -21.66 17.71 -10.93
N LEU A 22 -21.41 18.29 -12.10
CA LEU A 22 -22.15 19.48 -12.54
C LEU A 22 -23.61 19.15 -12.86
N GLU A 23 -23.84 18.01 -13.48
CA GLU A 23 -25.21 17.53 -13.73
C GLU A 23 -25.99 17.40 -12.43
N GLU A 24 -25.30 17.02 -11.36
CA GLU A 24 -25.92 16.79 -10.06
C GLU A 24 -25.75 17.99 -9.11
N SER A 25 -25.19 19.10 -9.61
CA SER A 25 -24.91 20.29 -8.81
C SER A 25 -26.11 21.20 -8.66
N THR A 26 -26.08 22.03 -7.63
CA THR A 26 -27.08 23.10 -7.44
C THR A 26 -26.71 24.39 -8.13
N LEU A 27 -25.50 24.44 -8.68
CA LEU A 27 -25.03 25.63 -9.39
C LEU A 27 -26.03 25.96 -10.51
N PRO A 28 -26.49 27.21 -10.60
CA PRO A 28 -27.43 27.59 -11.67
C PRO A 28 -26.66 27.77 -12.96
N ILE A 29 -26.87 26.86 -13.91
CA ILE A 29 -26.14 26.86 -15.16
C ILE A 29 -27.09 27.16 -16.31
N ASP A 30 -26.85 28.30 -16.96
CA ASP A 30 -27.59 28.71 -18.16
C ASP A 30 -27.01 28.12 -19.44
N LYS A 31 -25.69 27.95 -19.48
CA LYS A 31 -25.00 27.40 -20.64
C LYS A 31 -23.77 26.61 -20.20
N ILE A 32 -23.61 25.43 -20.78
CA ILE A 32 -22.46 24.56 -20.53
C ILE A 32 -21.65 24.49 -21.82
N ARG A 33 -20.33 24.59 -21.69
CA ARG A 33 -19.43 24.40 -22.82
C ARG A 33 -18.36 23.39 -22.44
N TYR A 34 -18.07 22.48 -23.37
CA TYR A 34 -17.02 21.50 -23.18
C TYR A 34 -15.85 21.83 -24.09
N LEU A 35 -14.67 21.93 -23.47
CA LEU A 35 -13.44 22.26 -24.17
C LEU A 35 -12.41 21.14 -23.95
N ALA A 36 -11.58 20.92 -24.97
CA ALA A 36 -10.53 19.91 -24.90
C ALA A 36 -9.45 20.29 -25.92
N SER A 37 -8.66 19.33 -26.39
CA SER A 37 -7.64 19.58 -27.42
C SER A 37 -8.24 19.63 -28.83
N ALA A 38 -7.41 20.03 -29.79
CA ALA A 38 -7.82 20.15 -31.19
C ALA A 38 -8.43 18.86 -31.73
N ARG A 39 -7.90 17.72 -31.30
CA ARG A 39 -8.35 16.42 -31.81
C ARG A 39 -9.69 15.94 -31.24
N SER A 40 -10.21 16.63 -30.22
CA SER A 40 -11.54 16.32 -29.69
C SER A 40 -12.62 17.27 -30.25
N ALA A 41 -12.21 18.41 -30.83
CA ALA A 41 -13.15 19.37 -31.39
C ALA A 41 -14.03 18.71 -32.44
N GLY A 42 -15.32 19.00 -32.41
CA GLY A 42 -16.27 18.41 -33.35
C GLY A 42 -17.08 17.27 -32.76
N LYS A 43 -16.46 16.50 -31.86
CA LYS A 43 -17.14 15.39 -31.18
C LYS A 43 -18.24 15.88 -30.26
N SER A 44 -19.26 15.05 -30.06
CA SER A 44 -20.38 15.40 -29.20
C SER A 44 -20.29 14.65 -27.89
N LEU A 45 -20.83 15.27 -26.85
CA LEU A 45 -20.85 14.71 -25.51
C LEU A 45 -22.10 15.23 -24.79
N LYS A 46 -22.68 14.41 -23.93
CA LYS A 46 -23.93 14.77 -23.27
C LYS A 46 -23.71 15.71 -22.06
N PHE A 47 -24.67 16.63 -21.88
CA PHE A 47 -24.94 17.23 -20.59
C PHE A 47 -26.44 17.03 -20.31
N LYS A 48 -26.75 16.17 -19.34
CA LYS A 48 -28.08 15.63 -19.13
C LYS A 48 -28.52 14.96 -20.45
N ASP A 49 -29.70 15.30 -20.97
CA ASP A 49 -30.16 14.72 -22.23
C ASP A 49 -29.86 15.61 -23.45
N GLN A 50 -29.00 16.61 -23.26
CA GLN A 50 -28.65 17.57 -24.31
C GLN A 50 -27.28 17.27 -24.91
N ASP A 51 -27.15 17.45 -26.22
CA ASP A 51 -25.90 17.20 -26.94
C ASP A 51 -25.05 18.46 -27.00
N ILE A 52 -23.81 18.36 -26.54
CA ILE A 52 -22.86 19.46 -26.48
C ILE A 52 -21.68 19.16 -27.39
N THR A 53 -21.38 20.07 -28.31
CA THR A 53 -20.22 19.92 -29.19
C THR A 53 -18.98 20.40 -28.47
N ILE A 54 -17.95 19.56 -28.47
CA ILE A 54 -16.66 19.88 -27.86
C ILE A 54 -15.93 20.90 -28.73
N GLU A 55 -15.24 21.83 -28.07
CA GLU A 55 -14.52 22.93 -28.72
C GLU A 55 -13.04 22.83 -28.36
N GLU A 56 -12.18 23.32 -29.26
CA GLU A 56 -10.74 23.37 -29.00
C GLU A 56 -10.46 24.49 -27.99
N THR A 57 -9.57 24.21 -27.04
CA THR A 57 -9.17 25.20 -26.07
C THR A 57 -8.15 26.16 -26.71
N THR A 58 -8.49 27.44 -26.69
CA THR A 58 -7.61 28.50 -27.19
C THR A 58 -7.65 29.73 -26.28
N GLU A 59 -6.78 30.69 -26.60
CA GLU A 59 -6.66 31.97 -25.88
C GLU A 59 -7.93 32.81 -26.00
N THR A 60 -8.73 32.58 -27.03
CA THR A 60 -9.92 33.37 -27.30
C THR A 60 -11.23 32.61 -27.05
N ALA A 61 -11.14 31.43 -26.44
CA ALA A 61 -12.32 30.59 -26.26
C ALA A 61 -13.15 30.92 -25.02
N PHE A 62 -12.76 31.91 -24.23
CA PHE A 62 -13.36 32.11 -22.90
C PHE A 62 -14.25 33.34 -22.75
N GLU A 63 -14.48 34.06 -23.84
CA GLU A 63 -15.36 35.22 -23.80
C GLU A 63 -16.77 34.77 -23.41
N GLY A 64 -17.32 35.43 -22.39
CA GLY A 64 -18.67 35.16 -21.93
C GLY A 64 -18.77 34.06 -20.90
N VAL A 65 -17.65 33.42 -20.55
CA VAL A 65 -17.64 32.36 -19.53
C VAL A 65 -17.56 32.96 -18.12
N ASP A 66 -18.38 32.44 -17.20
CA ASP A 66 -18.35 32.88 -15.80
C ASP A 66 -17.41 32.04 -14.93
N ILE A 67 -17.48 30.72 -15.10
CA ILE A 67 -16.67 29.76 -14.34
C ILE A 67 -16.08 28.76 -15.32
N ALA A 68 -14.81 28.46 -15.17
CA ALA A 68 -14.15 27.42 -15.97
C ALA A 68 -13.50 26.44 -15.03
N LEU A 69 -13.80 25.16 -15.21
CA LEU A 69 -13.20 24.11 -14.43
C LEU A 69 -12.13 23.47 -15.30
N PHE A 70 -10.87 23.64 -14.92
CA PHE A 70 -9.74 23.12 -15.69
C PHE A 70 -9.30 21.75 -15.16
N SER A 71 -9.30 20.76 -16.03
CA SER A 71 -8.75 19.46 -15.70
C SER A 71 -8.13 18.83 -16.94
N ALA A 72 -7.10 19.49 -17.43
CA ALA A 72 -6.50 19.16 -18.72
C ALA A 72 -4.97 19.14 -18.73
N GLY A 73 -4.34 18.91 -17.57
CA GLY A 73 -2.89 18.89 -17.49
C GLY A 73 -2.37 20.28 -17.15
N SER A 74 -1.29 20.31 -16.38
CA SER A 74 -0.67 21.54 -15.88
C SER A 74 -0.33 22.50 -17.02
N SER A 75 0.08 21.93 -18.14
CA SER A 75 0.49 22.72 -19.30
C SER A 75 -0.65 23.56 -19.88
N THR A 76 -1.82 22.94 -20.02
CA THR A 76 -3.03 23.60 -20.52
C THR A 76 -3.50 24.71 -19.57
N SER A 77 -3.43 24.45 -18.26
CA SER A 77 -3.75 25.47 -17.29
C SER A 77 -2.75 26.64 -17.34
N ALA A 78 -1.47 26.34 -17.48
CA ALA A 78 -0.45 27.38 -17.58
C ALA A 78 -0.68 28.26 -18.82
N LYS A 79 -1.16 27.66 -19.90
CA LYS A 79 -1.31 28.34 -21.18
C LYS A 79 -2.59 29.17 -21.28
N TYR A 80 -3.70 28.63 -20.81
CA TYR A 80 -5.02 29.22 -21.05
C TYR A 80 -5.73 29.83 -19.83
N ALA A 81 -5.39 29.40 -18.62
CA ALA A 81 -6.08 29.94 -17.44
C ALA A 81 -5.89 31.46 -17.29
N PRO A 82 -4.68 31.97 -17.50
CA PRO A 82 -4.48 33.43 -17.47
C PRO A 82 -5.34 34.17 -18.50
N TYR A 83 -5.56 33.57 -19.66
CA TYR A 83 -6.44 34.18 -20.66
C TYR A 83 -7.90 34.15 -20.23
N ALA A 84 -8.30 33.10 -19.51
CA ALA A 84 -9.64 33.01 -18.95
C ALA A 84 -9.85 34.11 -17.91
N VAL A 85 -8.89 34.28 -17.01
CA VAL A 85 -8.99 35.32 -15.98
C VAL A 85 -9.09 36.70 -16.66
N LYS A 86 -8.28 36.95 -17.68
CA LYS A 86 -8.32 38.22 -18.42
C LYS A 86 -9.71 38.47 -19.04
N ALA A 87 -10.36 37.40 -19.50
CA ALA A 87 -11.69 37.47 -20.09
C ALA A 87 -12.80 37.61 -19.06
N GLY A 88 -12.46 37.52 -17.77
CA GLY A 88 -13.40 37.78 -16.70
C GLY A 88 -13.92 36.52 -16.03
N VAL A 89 -13.29 35.39 -16.32
CA VAL A 89 -13.69 34.10 -15.77
C VAL A 89 -13.13 33.92 -14.36
N VAL A 90 -13.77 33.08 -13.55
CA VAL A 90 -13.18 32.53 -12.35
C VAL A 90 -12.81 31.09 -12.65
N VAL A 91 -11.54 30.75 -12.52
CA VAL A 91 -11.04 29.42 -12.84
C VAL A 91 -10.88 28.60 -11.59
N VAL A 92 -11.39 27.37 -11.63
CA VAL A 92 -11.09 26.37 -10.61
C VAL A 92 -10.22 25.33 -11.29
N ASP A 93 -8.99 25.19 -10.82
CA ASP A 93 -7.96 24.41 -11.51
C ASP A 93 -7.58 23.13 -10.74
N ASN A 94 -7.71 21.96 -11.38
CA ASN A 94 -7.32 20.69 -10.75
C ASN A 94 -5.83 20.34 -10.84
N THR A 95 -5.08 21.07 -11.66
CA THR A 95 -3.67 20.76 -11.88
C THR A 95 -2.81 21.29 -10.74
N SER A 96 -1.55 20.85 -10.73
CA SER A 96 -0.60 21.30 -9.73
C SER A 96 0.01 22.69 -10.02
N TYR A 97 -0.25 23.22 -11.22
CA TYR A 97 0.53 24.37 -11.72
C TYR A 97 0.48 25.61 -10.83
N PHE A 98 -0.71 26.00 -10.41
CA PHE A 98 -0.89 27.24 -9.65
C PHE A 98 -0.99 27.02 -8.14
N ARG A 99 -0.85 25.78 -7.68
CA ARG A 99 -1.14 25.43 -6.29
C ARG A 99 -0.31 26.20 -5.26
N GLN A 100 0.96 26.45 -5.58
CA GLN A 100 1.87 27.09 -4.64
C GLN A 100 2.11 28.57 -4.94
N ASN A 101 1.27 29.15 -5.79
CA ASN A 101 1.32 30.58 -6.09
C ASN A 101 0.61 31.31 -4.95
N PRO A 102 1.26 32.28 -4.30
CA PRO A 102 0.64 32.93 -3.13
C PRO A 102 -0.59 33.79 -3.46
N ASP A 103 -0.76 34.14 -4.73
CA ASP A 103 -1.99 34.80 -5.21
C ASP A 103 -3.15 33.84 -5.51
N VAL A 104 -2.95 32.55 -5.22
CA VAL A 104 -3.93 31.51 -5.54
C VAL A 104 -4.29 30.71 -4.29
N PRO A 105 -5.55 30.79 -3.87
CA PRO A 105 -6.05 29.96 -2.77
C PRO A 105 -6.03 28.48 -3.17
N LEU A 106 -5.57 27.64 -2.25
CA LEU A 106 -5.52 26.21 -2.45
C LEU A 106 -6.54 25.63 -1.50
N VAL A 107 -7.70 25.23 -2.02
CA VAL A 107 -8.87 25.07 -1.17
C VAL A 107 -9.51 23.67 -1.11
N VAL A 108 -9.77 23.24 0.13
CA VAL A 108 -10.69 22.17 0.45
C VAL A 108 -11.83 22.85 1.23
N PRO A 109 -13.02 22.98 0.64
CA PRO A 109 -14.07 23.81 1.27
C PRO A 109 -14.44 23.52 2.74
N GLU A 110 -14.32 22.27 3.17
CA GLU A 110 -14.60 21.94 4.57
C GLU A 110 -13.51 22.46 5.53
N VAL A 111 -12.33 22.76 4.99
CA VAL A 111 -11.17 23.10 5.82
C VAL A 111 -10.85 24.58 5.77
N ASN A 112 -10.77 25.16 4.58
CA ASN A 112 -10.31 26.53 4.43
C ASN A 112 -11.08 27.33 3.36
N ALA A 113 -12.40 27.20 3.39
CA ALA A 113 -13.27 27.97 2.51
C ALA A 113 -12.99 29.49 2.61
N HIS A 114 -12.57 29.97 3.78
CA HIS A 114 -12.28 31.40 3.97
C HIS A 114 -11.26 31.94 2.99
N ALA A 115 -10.39 31.08 2.48
CA ALA A 115 -9.33 31.50 1.56
C ALA A 115 -9.88 31.91 0.19
N LEU A 116 -11.09 31.48 -0.14
CA LEU A 116 -11.72 31.87 -1.40
C LEU A 116 -12.00 33.37 -1.49
N ASP A 117 -12.25 34.03 -0.36
CA ASP A 117 -12.75 35.41 -0.37
C ASP A 117 -11.81 36.34 -1.12
N ALA A 118 -10.50 36.08 -0.98
CA ALA A 118 -9.48 36.95 -1.56
C ALA A 118 -8.90 36.43 -2.87
N HIS A 119 -9.63 35.58 -3.60
CA HIS A 119 -9.12 35.04 -4.85
C HIS A 119 -8.91 36.13 -5.90
N ASN A 120 -7.98 35.86 -6.80
CA ASN A 120 -7.62 36.73 -7.90
C ASN A 120 -7.94 36.11 -9.26
N GLY A 121 -8.96 35.26 -9.29
CA GLY A 121 -9.45 34.69 -10.54
C GLY A 121 -9.10 33.22 -10.74
N ILE A 122 -8.13 32.71 -9.99
CA ILE A 122 -7.81 31.28 -9.99
C ILE A 122 -7.88 30.70 -8.58
N ILE A 123 -8.63 29.62 -8.43
CA ILE A 123 -8.64 28.80 -7.22
C ILE A 123 -8.07 27.45 -7.60
N ALA A 124 -7.11 26.94 -6.83
CA ALA A 124 -6.55 25.62 -7.08
C ALA A 124 -7.18 24.58 -6.16
N CYS A 125 -7.53 23.45 -6.75
CA CYS A 125 -7.91 22.25 -6.04
C CYS A 125 -6.60 21.50 -5.71
N PRO A 126 -6.43 21.03 -4.48
CA PRO A 126 -5.20 20.30 -4.15
C PRO A 126 -5.14 18.94 -4.83
N ASN A 127 -3.97 18.34 -4.70
CA ASN A 127 -3.72 16.96 -5.05
C ASN A 127 -4.74 16.03 -4.38
N CYS A 128 -5.21 15.02 -5.11
CA CYS A 128 -6.22 14.11 -4.57
C CYS A 128 -5.85 13.48 -3.23
N SER A 129 -4.61 12.99 -3.11
CA SER A 129 -4.20 12.31 -1.89
C SER A 129 -4.17 13.28 -0.71
N THR A 130 -3.86 14.55 -0.99
CA THR A 130 -3.85 15.56 0.04
C THR A 130 -5.24 15.89 0.53
N ILE A 131 -6.17 16.05 -0.39
CA ILE A 131 -7.53 16.45 -0.06
C ILE A 131 -8.14 15.50 0.96
N GLN A 132 -8.11 14.21 0.67
CA GLN A 132 -8.76 13.22 1.55
C GLN A 132 -8.10 13.17 2.92
N MET A 133 -6.78 13.38 2.95
CA MET A 133 -6.06 13.45 4.21
C MET A 133 -6.47 14.68 5.01
N MET A 134 -6.68 15.80 4.33
CA MET A 134 -7.15 17.02 4.96
C MET A 134 -8.56 16.88 5.55
N VAL A 135 -9.43 16.18 4.85
CA VAL A 135 -10.78 15.97 5.35
C VAL A 135 -10.73 15.12 6.64
N ALA A 136 -9.88 14.11 6.66
CA ALA A 136 -9.79 13.22 7.81
C ALA A 136 -9.14 13.91 9.01
N LEU A 137 -8.15 14.75 8.74
CA LEU A 137 -7.29 15.27 9.81
C LEU A 137 -7.71 16.62 10.37
N GLU A 138 -8.38 17.46 9.59
CA GLU A 138 -8.85 18.75 10.09
C GLU A 138 -9.64 18.66 11.41
N PRO A 139 -10.63 17.78 11.52
CA PRO A 139 -11.38 17.67 12.78
C PRO A 139 -10.52 17.32 13.99
N VAL A 140 -9.44 16.59 13.76
CA VAL A 140 -8.51 16.22 14.82
C VAL A 140 -7.65 17.43 15.18
N ARG A 141 -7.11 18.10 14.16
CA ARG A 141 -6.32 19.29 14.38
C ARG A 141 -7.09 20.35 15.17
N GLN A 142 -8.37 20.50 14.87
CA GLN A 142 -9.18 21.53 15.51
C GLN A 142 -9.25 21.36 17.03
N LYS A 143 -9.26 20.11 17.49
CA LYS A 143 -9.42 19.81 18.91
C LYS A 143 -8.13 19.50 19.68
N TRP A 144 -7.14 18.95 19.00
CA TRP A 144 -5.92 18.47 19.66
C TRP A 144 -4.62 18.90 18.98
N GLY A 145 -4.71 19.59 17.85
CA GLY A 145 -3.54 20.06 17.12
C GLY A 145 -2.89 18.94 16.33
N LEU A 146 -1.95 19.32 15.45
CA LEU A 146 -1.16 18.38 14.66
C LEU A 146 0.28 18.83 14.67
N ASP A 147 1.14 17.93 15.16
CA ASP A 147 2.58 18.13 15.22
C ASP A 147 3.28 17.56 13.99
N ARG A 148 2.94 16.31 13.67
CA ARG A 148 3.50 15.66 12.48
C ARG A 148 2.57 14.66 11.83
N ILE A 149 2.81 14.41 10.55
CA ILE A 149 2.13 13.39 9.75
C ILE A 149 3.17 12.53 9.05
N ILE A 150 2.99 11.21 9.10
CA ILE A 150 3.69 10.32 8.19
C ILE A 150 2.62 9.56 7.43
N VAL A 151 2.69 9.56 6.10
CA VAL A 151 1.67 8.90 5.30
C VAL A 151 2.28 7.98 4.25
N SER A 152 1.70 6.80 4.10
CA SER A 152 2.02 5.91 3.00
C SER A 152 0.76 5.70 2.20
N THR A 153 0.82 5.97 0.89
CA THR A 153 -0.37 5.91 0.07
C THR A 153 -0.43 4.65 -0.79
N TYR A 154 -1.65 4.38 -1.23
CA TYR A 154 -2.04 3.19 -1.96
C TYR A 154 -2.94 3.71 -3.07
N GLN A 155 -2.34 4.25 -4.12
CA GLN A 155 -3.07 5.09 -5.06
C GLN A 155 -3.50 4.34 -6.31
N ALA A 156 -4.74 4.61 -6.71
CA ALA A 156 -5.36 4.02 -7.88
C ALA A 156 -4.82 4.58 -9.19
N VAL A 157 -4.90 3.77 -10.24
CA VAL A 157 -4.32 4.13 -11.53
C VAL A 157 -5.09 5.23 -12.24
N SER A 158 -6.38 5.42 -11.92
CA SER A 158 -7.16 6.47 -12.54
C SER A 158 -6.62 7.86 -12.21
N GLY A 159 -5.83 7.95 -11.14
CA GLY A 159 -5.09 9.15 -10.83
C GLY A 159 -4.12 9.59 -11.93
N ALA A 160 -3.68 8.63 -12.75
CA ALA A 160 -2.78 8.88 -13.88
C ALA A 160 -3.49 9.11 -15.22
N GLY A 161 -4.82 9.20 -15.20
CA GLY A 161 -5.58 9.44 -16.40
C GLY A 161 -6.21 8.22 -17.04
N MET A 162 -6.98 8.47 -18.10
CA MET A 162 -7.74 7.43 -18.75
C MET A 162 -6.86 6.35 -19.35
N GLY A 163 -5.74 6.78 -19.92
CA GLY A 163 -4.78 5.89 -20.54
C GLY A 163 -4.22 4.88 -19.55
N ALA A 164 -4.01 5.33 -18.31
CA ALA A 164 -3.46 4.47 -17.28
C ALA A 164 -4.44 3.38 -16.88
N ILE A 165 -5.72 3.69 -16.89
CA ILE A 165 -6.75 2.70 -16.60
C ILE A 165 -6.72 1.61 -17.65
N LEU A 166 -6.66 2.01 -18.91
CA LEU A 166 -6.68 1.06 -20.03
C LEU A 166 -5.43 0.19 -20.03
N GLU A 167 -4.28 0.79 -19.75
CA GLU A 167 -3.01 0.07 -19.66
C GLU A 167 -3.06 -1.00 -18.56
N THR A 168 -3.65 -0.64 -17.43
CA THR A 168 -3.75 -1.56 -16.29
C THR A 168 -4.64 -2.74 -16.63
N GLN A 169 -5.78 -2.48 -17.24
CA GLN A 169 -6.75 -3.54 -17.55
C GLN A 169 -6.18 -4.53 -18.54
N ARG A 170 -5.48 -4.00 -19.54
CA ARG A 170 -4.93 -4.85 -20.59
C ARG A 170 -3.70 -5.62 -20.08
N GLU A 171 -2.93 -5.03 -19.17
CA GLU A 171 -1.79 -5.74 -18.62
C GLU A 171 -2.30 -6.93 -17.83
N LEU A 172 -3.34 -6.71 -17.04
CA LEU A 172 -3.93 -7.78 -16.23
C LEU A 172 -4.52 -8.88 -17.09
N ARG A 173 -5.15 -8.51 -18.20
CA ARG A 173 -5.71 -9.50 -19.11
C ARG A 173 -4.61 -10.31 -19.77
N GLU A 174 -3.49 -9.68 -20.09
CA GLU A 174 -2.37 -10.40 -20.69
C GLU A 174 -1.81 -11.45 -19.72
N VAL A 175 -1.72 -11.09 -18.43
CA VAL A 175 -1.21 -12.03 -17.42
C VAL A 175 -2.20 -13.16 -17.19
N LEU A 176 -3.46 -12.82 -16.96
CA LEU A 176 -4.49 -13.78 -16.61
C LEU A 176 -5.01 -14.61 -17.78
N ASN A 177 -5.06 -14.04 -18.98
CA ASN A 177 -5.61 -14.73 -20.16
C ASN A 177 -4.55 -15.35 -21.08
N ASP A 178 -3.42 -14.65 -21.26
CA ASP A 178 -2.35 -15.13 -22.14
C ASP A 178 -1.17 -15.78 -21.40
N GLY A 179 -1.15 -15.66 -20.07
CA GLY A 179 -0.10 -16.25 -19.25
C GLY A 179 1.23 -15.51 -19.25
N VAL A 180 1.22 -14.22 -19.56
CA VAL A 180 2.45 -13.45 -19.58
C VAL A 180 2.90 -13.23 -18.14
N LYS A 181 4.20 -13.32 -17.88
CA LYS A 181 4.73 -13.01 -16.56
C LYS A 181 4.64 -11.50 -16.38
N PRO A 182 4.18 -11.01 -15.22
CA PRO A 182 4.12 -9.56 -15.01
C PRO A 182 5.39 -8.81 -15.37
N CYS A 183 6.55 -9.36 -15.01
CA CYS A 183 7.82 -8.69 -15.25
C CYS A 183 8.21 -8.63 -16.74
N ASP A 184 7.50 -9.37 -17.60
CA ASP A 184 7.69 -9.32 -19.05
C ASP A 184 6.74 -8.35 -19.76
N LEU A 185 5.77 -7.79 -19.04
CA LEU A 185 4.78 -6.89 -19.64
C LEU A 185 5.42 -5.61 -20.20
N HIS A 186 4.76 -5.04 -21.21
CA HIS A 186 5.21 -3.80 -21.82
C HIS A 186 4.32 -2.67 -21.31
N ALA A 187 4.95 -1.62 -20.76
CA ALA A 187 4.21 -0.46 -20.27
C ALA A 187 4.59 0.79 -21.05
N GLU A 188 3.63 1.71 -21.19
CA GLU A 188 3.78 2.98 -21.90
C GLU A 188 3.63 4.24 -21.03
N ILE A 189 2.92 4.12 -19.91
CA ILE A 189 2.50 5.27 -19.11
C ILE A 189 3.04 5.22 -17.67
N LEU A 190 2.61 4.23 -16.90
CA LEU A 190 3.00 4.12 -15.49
C LEU A 190 4.48 3.79 -15.34
N PRO A 191 5.12 4.25 -14.26
CA PRO A 191 4.50 5.04 -13.17
C PRO A 191 4.17 6.51 -13.48
N SER A 192 4.83 7.11 -14.46
CA SER A 192 4.62 8.51 -14.82
C SER A 192 4.84 8.72 -16.31
N GLY A 193 3.80 9.23 -16.97
CA GLY A 193 3.80 9.39 -18.41
C GLY A 193 4.95 10.22 -18.95
N GLY A 194 5.35 11.25 -18.20
CA GLY A 194 6.41 12.15 -18.65
C GLY A 194 7.81 11.61 -18.45
N ASP A 195 7.99 10.65 -17.55
CA ASP A 195 9.33 10.15 -17.20
C ASP A 195 9.87 9.19 -18.27
N LYS A 196 11.14 8.85 -18.12
CA LYS A 196 11.91 8.15 -19.15
C LYS A 196 11.53 6.69 -19.29
N LYS A 197 11.32 6.02 -18.15
CA LYS A 197 11.09 4.59 -18.13
C LYS A 197 9.70 4.27 -17.61
N HIS A 198 9.11 3.23 -18.18
CA HIS A 198 7.79 2.77 -17.79
C HIS A 198 7.82 1.32 -17.32
N TYR A 199 7.00 1.02 -16.32
CA TYR A 199 6.97 -0.28 -15.67
C TYR A 199 5.54 -0.82 -15.57
N PRO A 200 5.39 -2.15 -15.60
CA PRO A 200 4.09 -2.77 -15.34
C PRO A 200 3.54 -2.45 -13.96
N ILE A 201 2.23 -2.32 -13.88
CA ILE A 201 1.50 -2.19 -12.62
C ILE A 201 0.75 -3.47 -12.25
N ALA A 202 0.41 -4.30 -13.23
CA ALA A 202 -0.28 -5.55 -12.96
C ALA A 202 0.49 -6.36 -11.91
N PHE A 203 -0.19 -6.68 -10.81
CA PHE A 203 0.38 -7.48 -9.72
C PHE A 203 1.66 -6.87 -9.17
N ASN A 204 1.71 -5.54 -9.15
CA ASN A 204 2.86 -4.78 -8.72
C ASN A 204 2.46 -3.65 -7.77
N ALA A 205 3.47 -3.08 -7.10
CA ALA A 205 3.32 -1.91 -6.26
C ALA A 205 4.50 -0.99 -6.62
N LEU A 206 4.19 0.11 -7.29
CA LEU A 206 5.20 0.99 -7.82
C LEU A 206 5.37 2.19 -6.87
N PRO A 207 6.51 2.29 -6.19
CA PRO A 207 6.76 3.39 -5.25
C PRO A 207 7.22 4.66 -5.97
N GLN A 208 6.51 5.03 -7.02
CA GLN A 208 6.76 6.28 -7.72
C GLN A 208 5.48 6.80 -8.30
N ILE A 209 5.15 8.01 -7.89
CA ILE A 209 4.08 8.78 -8.48
C ILE A 209 4.66 10.16 -8.82
N ASP A 210 4.42 10.59 -10.06
CA ASP A 210 5.05 11.78 -10.65
C ASP A 210 6.56 11.52 -10.75
N VAL A 211 7.33 12.56 -11.05
CA VAL A 211 8.77 12.41 -11.24
C VAL A 211 9.50 12.73 -9.95
N PHE A 212 10.78 12.37 -9.89
CA PHE A 212 11.61 12.63 -8.71
C PHE A 212 12.08 14.06 -8.63
N THR A 213 12.08 14.61 -7.42
CA THR A 213 12.69 15.91 -7.17
C THR A 213 14.10 15.67 -6.69
N ASP A 214 14.80 16.77 -6.42
CA ASP A 214 16.22 16.75 -6.04
C ASP A 214 16.51 16.23 -4.62
N ASN A 215 15.49 16.05 -3.80
CA ASN A 215 15.70 15.54 -2.44
C ASN A 215 15.32 14.04 -2.31
N ASP A 216 15.08 13.41 -3.46
CA ASP A 216 14.78 11.97 -3.60
C ASP A 216 13.35 11.56 -3.24
N TYR A 217 12.53 12.52 -2.83
CA TYR A 217 11.09 12.34 -2.77
C TYR A 217 10.54 12.68 -4.13
N THR A 218 9.43 12.07 -4.53
CA THR A 218 8.79 12.46 -5.78
C THR A 218 7.99 13.72 -5.60
N TYR A 219 7.55 14.30 -6.72
CA TYR A 219 6.74 15.50 -6.67
C TYR A 219 5.42 15.20 -5.96
N GLU A 220 4.87 14.00 -6.14
CA GLU A 220 3.66 13.63 -5.43
C GLU A 220 3.84 13.70 -3.92
N GLU A 221 4.95 13.14 -3.42
CA GLU A 221 5.21 13.16 -1.98
C GLU A 221 5.42 14.59 -1.47
N MET A 222 6.15 15.40 -2.22
CA MET A 222 6.37 16.80 -1.86
C MET A 222 5.10 17.66 -1.97
N LYS A 223 4.18 17.31 -2.86
CA LYS A 223 2.89 17.98 -2.94
C LYS A 223 2.12 17.73 -1.64
N MET A 224 2.14 16.51 -1.14
CA MET A 224 1.42 16.23 0.11
C MET A 224 1.97 17.08 1.25
N THR A 225 3.28 17.23 1.25
CA THR A 225 3.95 18.02 2.26
C THR A 225 3.60 19.50 2.15
N LYS A 226 3.82 20.08 0.99
CA LYS A 226 3.68 21.54 0.82
C LYS A 226 2.23 21.99 0.80
N GLU A 227 1.37 21.19 0.20
CA GLU A 227 -0.05 21.50 0.12
C GLU A 227 -0.72 21.41 1.48
N THR A 228 -0.32 20.44 2.31
CA THR A 228 -0.86 20.34 3.65
C THR A 228 -0.59 21.61 4.42
N LYS A 229 0.65 22.08 4.34
CA LYS A 229 1.05 23.27 5.07
C LYS A 229 0.31 24.53 4.60
N LYS A 230 0.05 24.65 3.31
CA LYS A 230 -0.68 25.80 2.78
C LYS A 230 -2.17 25.75 3.16
N ILE A 231 -2.78 24.58 3.04
CA ILE A 231 -4.21 24.41 3.33
C ILE A 231 -4.48 24.65 4.82
N MET A 232 -3.63 24.12 5.67
CA MET A 232 -3.80 24.27 7.10
C MET A 232 -3.14 25.54 7.63
N GLU A 233 -2.54 26.33 6.73
CA GLU A 233 -1.86 27.59 7.07
C GLU A 233 -0.97 27.42 8.31
N ASP A 234 -0.17 26.36 8.28
CA ASP A 234 0.74 26.03 9.36
C ASP A 234 2.00 25.32 8.83
N ASP A 235 3.08 26.06 8.67
CA ASP A 235 4.37 25.52 8.23
C ASP A 235 5.11 24.67 9.26
N SER A 236 4.64 24.68 10.51
CA SER A 236 5.28 23.90 11.57
C SER A 236 4.83 22.42 11.57
N ILE A 237 3.80 22.09 10.81
CA ILE A 237 3.36 20.70 10.70
C ILE A 237 4.39 19.93 9.86
N ALA A 238 5.06 18.97 10.50
CA ALA A 238 6.01 18.12 9.81
C ALA A 238 5.23 17.08 9.01
N VAL A 239 5.52 16.99 7.71
CA VAL A 239 4.84 16.04 6.83
C VAL A 239 5.84 15.35 5.90
N SER A 240 5.85 14.02 5.94
CA SER A 240 6.66 13.19 5.05
C SER A 240 5.78 12.06 4.50
N ALA A 241 5.93 11.79 3.21
CA ALA A 241 5.08 10.85 2.50
C ALA A 241 5.87 9.86 1.65
N THR A 242 5.26 8.70 1.45
CA THR A 242 5.67 7.70 0.48
C THR A 242 4.43 7.42 -0.37
N CYS A 243 4.51 7.67 -1.66
CA CYS A 243 3.37 7.58 -2.54
C CYS A 243 3.54 6.41 -3.49
N VAL A 244 2.62 5.46 -3.43
CA VAL A 244 2.74 4.18 -4.13
C VAL A 244 1.51 3.95 -5.00
N ARG A 245 1.74 3.59 -6.27
CA ARG A 245 0.69 3.11 -7.15
C ARG A 245 0.47 1.62 -6.98
N ILE A 246 -0.80 1.23 -6.79
CA ILE A 246 -1.16 -0.18 -6.74
C ILE A 246 -2.23 -0.50 -7.80
N PRO A 247 -2.46 -1.79 -8.09
CA PRO A 247 -3.47 -2.19 -9.08
C PRO A 247 -4.92 -2.04 -8.61
N VAL A 248 -5.31 -0.79 -8.32
CA VAL A 248 -6.67 -0.42 -8.00
C VAL A 248 -7.05 0.58 -9.12
N LEU A 249 -8.24 0.43 -9.72
CA LEU A 249 -8.64 1.36 -10.78
C LEU A 249 -9.06 2.70 -10.21
N SER A 250 -9.86 2.68 -9.15
CA SER A 250 -10.35 3.92 -8.54
C SER A 250 -10.44 3.84 -7.02
N ALA A 251 -10.21 5.02 -6.42
CA ALA A 251 -10.16 5.29 -4.99
C ALA A 251 -8.76 5.09 -4.45
N HIS A 252 -8.23 6.16 -3.83
CA HIS A 252 -6.96 6.11 -3.11
C HIS A 252 -7.21 5.70 -1.66
N SER A 253 -6.25 4.95 -1.09
CA SER A 253 -6.23 4.59 0.31
C SER A 253 -4.94 5.08 0.91
N GLU A 254 -4.96 5.44 2.20
CA GLU A 254 -3.78 5.98 2.89
C GLU A 254 -3.65 5.43 4.29
N SER A 255 -2.47 4.93 4.63
CA SER A 255 -2.11 4.64 6.00
C SER A 255 -1.50 5.92 6.55
N VAL A 256 -2.17 6.50 7.54
CA VAL A 256 -1.85 7.83 8.04
C VAL A 256 -1.46 7.73 9.51
N TYR A 257 -0.28 8.23 9.84
CA TYR A 257 0.17 8.34 11.20
C TYR A 257 0.27 9.80 11.55
N ILE A 258 -0.28 10.17 12.70
CA ILE A 258 -0.15 11.55 13.18
C ILE A 258 0.34 11.54 14.62
N GLU A 259 0.95 12.64 15.01
CA GLU A 259 1.12 12.96 16.40
C GLU A 259 0.44 14.29 16.61
N THR A 260 -0.49 14.32 17.57
CA THR A 260 -1.21 15.52 17.96
C THR A 260 -0.38 16.34 18.95
N LYS A 261 -0.84 17.54 19.24
CA LYS A 261 -0.20 18.40 20.22
C LYS A 261 -0.60 18.02 21.65
N GLU A 262 -1.87 17.67 21.83
CA GLU A 262 -2.37 17.15 23.10
C GLU A 262 -2.93 15.74 22.91
N VAL A 263 -2.94 14.93 23.96
CA VAL A 263 -3.39 13.54 23.82
C VAL A 263 -4.87 13.55 23.46
N ALA A 264 -5.20 12.86 22.38
CA ALA A 264 -6.55 12.84 21.84
C ALA A 264 -7.16 11.46 22.06
N PRO A 265 -8.10 11.35 23.00
CA PRO A 265 -8.72 10.05 23.30
C PRO A 265 -9.37 9.46 22.05
N ILE A 266 -9.15 8.18 21.76
CA ILE A 266 -9.54 7.61 20.48
C ILE A 266 -11.05 7.69 20.25
N GLU A 267 -11.85 7.46 21.28
CA GLU A 267 -13.31 7.55 21.08
C GLU A 267 -13.74 8.97 20.71
N GLU A 268 -13.07 9.97 21.26
CA GLU A 268 -13.35 11.37 20.88
C GLU A 268 -12.88 11.71 19.46
N VAL A 269 -11.76 11.13 19.06
CA VAL A 269 -11.23 11.30 17.70
C VAL A 269 -12.24 10.72 16.70
N LYS A 270 -12.74 9.52 16.99
CA LYS A 270 -13.73 8.88 16.13
C LYS A 270 -14.99 9.74 16.01
N ALA A 271 -15.44 10.30 17.13
CA ALA A 271 -16.62 11.16 17.16
C ALA A 271 -16.39 12.48 16.40
N ALA A 272 -15.21 13.07 16.55
CA ALA A 272 -14.88 14.32 15.85
C ALA A 272 -14.85 14.13 14.34
N ILE A 273 -14.29 13.00 13.91
CA ILE A 273 -14.19 12.71 12.49
C ILE A 273 -15.60 12.45 11.93
N ALA A 274 -16.37 11.62 12.63
CA ALA A 274 -17.76 11.34 12.25
C ALA A 274 -18.58 12.61 12.05
N ALA A 275 -18.36 13.61 12.90
CA ALA A 275 -19.14 14.84 12.92
C ALA A 275 -18.66 15.88 11.90
N PHE A 276 -17.54 15.62 11.27
CA PHE A 276 -16.94 16.58 10.37
C PHE A 276 -17.54 16.41 8.97
N PRO A 277 -18.00 17.48 8.35
CA PRO A 277 -18.61 17.39 7.02
C PRO A 277 -17.65 16.85 5.97
N GLY A 278 -18.11 15.89 5.17
CA GLY A 278 -17.28 15.25 4.16
C GLY A 278 -16.54 14.00 4.62
N ALA A 279 -16.51 13.76 5.93
CA ALA A 279 -15.86 12.58 6.53
C ALA A 279 -16.91 11.65 7.08
N VAL A 280 -16.76 10.35 6.80
CA VAL A 280 -17.65 9.32 7.31
C VAL A 280 -16.79 8.34 8.09
N LEU A 281 -17.19 8.04 9.32
CA LEU A 281 -16.50 7.03 10.11
C LEU A 281 -16.99 5.66 9.70
N GLU A 282 -16.07 4.85 9.21
CA GLU A 282 -16.30 3.44 8.96
C GLU A 282 -15.29 2.67 9.80
N ASP A 283 -15.66 2.41 11.05
CA ASP A 283 -14.72 1.87 12.03
C ASP A 283 -15.43 1.03 13.08
N ASP A 284 -15.49 -0.28 12.83
CA ASP A 284 -16.10 -1.23 13.75
C ASP A 284 -15.41 -2.57 13.52
N VAL A 285 -14.25 -2.72 14.16
CA VAL A 285 -13.38 -3.86 13.88
C VAL A 285 -13.97 -5.19 14.36
N ALA A 286 -14.84 -5.14 15.36
CA ALA A 286 -15.57 -6.33 15.78
C ALA A 286 -16.41 -6.92 14.64
N HIS A 287 -16.85 -6.08 13.70
CA HIS A 287 -17.57 -6.56 12.51
C HIS A 287 -16.78 -6.35 11.23
N GLN A 288 -15.46 -6.28 11.37
CA GLN A 288 -14.54 -6.07 10.24
C GLN A 288 -14.96 -4.90 9.33
N ILE A 289 -15.36 -3.78 9.94
CA ILE A 289 -15.74 -2.58 9.21
C ILE A 289 -14.57 -1.61 9.18
N TYR A 290 -14.17 -1.24 7.96
CA TYR A 290 -13.12 -0.29 7.70
C TYR A 290 -13.28 0.25 6.26
N PRO A 291 -12.73 1.42 5.95
CA PRO A 291 -12.79 1.92 4.58
C PRO A 291 -12.15 0.95 3.59
N GLN A 292 -12.77 0.81 2.43
CA GLN A 292 -12.25 0.03 1.30
C GLN A 292 -12.43 0.79 0.01
N ALA A 293 -11.40 0.80 -0.82
CA ALA A 293 -11.44 1.43 -2.14
C ALA A 293 -12.71 1.08 -2.94
N ILE A 294 -13.03 -0.20 -3.06
CA ILE A 294 -14.16 -0.59 -3.89
C ILE A 294 -15.52 -0.07 -3.35
N ASN A 295 -15.60 0.16 -2.05
CA ASN A 295 -16.81 0.75 -1.46
C ASN A 295 -16.88 2.27 -1.61
N ALA A 296 -15.72 2.91 -1.67
CA ALA A 296 -15.65 4.37 -1.76
C ALA A 296 -15.92 4.93 -3.15
N VAL A 297 -15.69 4.10 -4.17
CA VAL A 297 -15.93 4.50 -5.57
C VAL A 297 -17.36 4.98 -5.71
N GLY A 298 -17.53 6.15 -6.31
CA GLY A 298 -18.83 6.70 -6.60
C GLY A 298 -19.42 7.56 -5.49
N SER A 299 -18.77 7.61 -4.34
CA SER A 299 -19.22 8.46 -3.23
C SER A 299 -18.34 9.72 -3.10
N ARG A 300 -18.99 10.84 -2.80
CA ARG A 300 -18.31 12.11 -2.52
C ARG A 300 -17.64 12.14 -1.15
N ASP A 301 -17.99 11.19 -0.29
CA ASP A 301 -17.47 11.19 1.07
C ASP A 301 -16.07 10.63 1.14
N THR A 302 -15.42 10.89 2.27
CA THR A 302 -14.11 10.38 2.62
C THR A 302 -14.29 9.50 3.84
N PHE A 303 -13.78 8.29 3.77
CA PHE A 303 -14.06 7.26 4.75
C PHE A 303 -12.83 7.00 5.57
N VAL A 304 -13.02 6.99 6.88
CA VAL A 304 -11.94 6.86 7.84
C VAL A 304 -12.21 5.74 8.84
N GLY A 305 -11.18 4.94 9.10
CA GLY A 305 -11.24 3.87 10.05
C GLY A 305 -9.87 3.38 10.44
N ARG A 306 -9.83 2.17 10.95
CA ARG A 306 -8.65 1.58 11.59
C ARG A 306 -8.04 2.56 12.62
N ILE A 307 -8.88 3.35 13.29
CA ILE A 307 -8.34 4.41 14.16
C ILE A 307 -7.89 3.78 15.47
N ARG A 308 -6.63 4.01 15.81
CA ARG A 308 -6.06 3.42 17.01
C ARG A 308 -4.82 4.17 17.47
N LYS A 309 -4.54 4.15 18.77
CA LYS A 309 -3.37 4.87 19.25
C LYS A 309 -2.11 4.06 18.92
N ASP A 310 -1.00 4.79 18.77
CA ASP A 310 0.30 4.17 18.58
C ASP A 310 0.60 3.31 19.79
N LEU A 311 1.30 2.20 19.59
CA LEU A 311 1.63 1.30 20.70
C LEU A 311 2.62 1.92 21.71
N ASP A 312 3.29 2.99 21.34
CA ASP A 312 4.34 3.59 22.17
C ASP A 312 4.31 5.11 22.29
N ALA A 313 4.07 5.83 21.20
CA ALA A 313 4.05 7.28 21.25
C ALA A 313 2.74 7.76 21.89
N GLU A 314 2.87 8.49 22.99
CA GLU A 314 1.73 8.96 23.74
C GLU A 314 0.68 9.64 22.87
N LYS A 315 1.13 10.53 21.97
CA LYS A 315 0.25 11.36 21.16
C LYS A 315 0.11 10.85 19.72
N GLY A 316 0.60 9.63 19.47
CA GLY A 316 0.56 9.01 18.16
C GLY A 316 -0.77 8.31 17.90
N ILE A 317 -1.28 8.47 16.68
CA ILE A 317 -2.52 7.85 16.23
C ILE A 317 -2.35 7.37 14.79
N HIS A 318 -2.80 6.16 14.52
CA HIS A 318 -2.82 5.61 13.17
C HIS A 318 -4.26 5.55 12.66
N MET A 319 -4.43 5.64 11.35
CA MET A 319 -5.74 5.49 10.73
C MET A 319 -5.61 5.11 9.27
N TRP A 320 -6.75 4.84 8.66
CA TRP A 320 -6.83 4.39 7.28
C TRP A 320 -7.89 5.26 6.60
N VAL A 321 -7.50 5.92 5.52
CA VAL A 321 -8.33 6.91 4.85
C VAL A 321 -8.51 6.57 3.38
N VAL A 322 -9.75 6.51 2.91
CA VAL A 322 -10.07 6.15 1.54
C VAL A 322 -11.06 7.14 0.95
N SER A 323 -10.80 7.59 -0.27
CA SER A 323 -11.76 8.38 -1.00
C SER A 323 -11.61 8.18 -2.50
N ASP A 324 -12.69 8.37 -3.24
CA ASP A 324 -12.68 8.34 -4.69
C ASP A 324 -11.86 9.54 -5.20
N ASN A 325 -10.73 9.21 -5.83
CA ASN A 325 -9.78 10.19 -6.34
C ASN A 325 -10.33 11.08 -7.45
N LEU A 326 -11.30 10.60 -8.21
CA LEU A 326 -11.95 11.43 -9.23
C LEU A 326 -13.09 12.29 -8.67
N LEU A 327 -13.57 12.00 -7.46
CA LEU A 327 -14.67 12.76 -6.87
C LEU A 327 -14.14 13.76 -5.85
N LYS A 328 -14.10 13.41 -4.56
CA LYS A 328 -13.54 14.33 -3.59
C LYS A 328 -12.10 14.70 -3.94
N GLY A 329 -11.39 13.77 -4.56
CA GLY A 329 -10.02 14.01 -4.98
C GLY A 329 -9.88 14.99 -6.15
N ALA A 330 -10.96 15.25 -6.89
CA ALA A 330 -10.90 16.10 -8.07
C ALA A 330 -12.22 16.81 -8.41
N ALA A 331 -13.11 16.14 -9.14
CA ALA A 331 -14.29 16.80 -9.69
C ALA A 331 -15.28 17.30 -8.64
N TRP A 332 -15.48 16.53 -7.58
CA TRP A 332 -16.37 16.97 -6.52
C TRP A 332 -15.76 18.14 -5.74
N ASN A 333 -14.48 18.06 -5.38
CA ASN A 333 -13.84 19.20 -4.74
C ASN A 333 -13.97 20.47 -5.59
N SER A 334 -13.80 20.34 -6.90
CA SER A 334 -13.88 21.51 -7.81
C SER A 334 -15.31 22.06 -7.86
N VAL A 335 -16.29 21.17 -7.97
CA VAL A 335 -17.68 21.61 -8.04
C VAL A 335 -18.15 22.22 -6.71
N GLN A 336 -17.69 21.66 -5.61
CA GLN A 336 -17.91 22.21 -4.27
C GLN A 336 -17.35 23.62 -4.15
N ILE A 337 -16.15 23.82 -4.70
CA ILE A 337 -15.56 25.14 -4.73
C ILE A 337 -16.45 26.07 -5.52
N ALA A 338 -16.89 25.63 -6.71
CA ALA A 338 -17.74 26.47 -7.56
C ALA A 338 -19.05 26.80 -6.86
N GLU A 339 -19.62 25.83 -6.15
CA GLU A 339 -20.85 26.08 -5.39
C GLU A 339 -20.61 27.08 -4.27
N THR A 340 -19.45 27.01 -3.64
CA THR A 340 -19.09 27.91 -2.55
C THR A 340 -18.86 29.34 -3.06
N LEU A 341 -18.21 29.44 -4.21
CA LEU A 341 -18.05 30.72 -4.89
C LEU A 341 -19.40 31.36 -5.20
N HIS A 342 -20.33 30.57 -5.72
CA HIS A 342 -21.70 31.05 -5.96
C HIS A 342 -22.36 31.53 -4.68
N GLU A 343 -22.28 30.71 -3.65
CA GLU A 343 -22.91 31.02 -2.37
C GLU A 343 -22.39 32.31 -1.76
N ARG A 344 -21.11 32.57 -1.99
CA ARG A 344 -20.43 33.71 -1.38
C ARG A 344 -20.34 34.94 -2.27
N GLY A 345 -20.95 34.87 -3.45
CA GLY A 345 -21.00 36.02 -4.36
C GLY A 345 -19.64 36.34 -4.94
N LEU A 346 -18.84 35.30 -5.17
CA LEU A 346 -17.45 35.42 -5.60
C LEU A 346 -17.24 35.02 -7.08
N VAL A 347 -18.32 34.77 -7.81
CA VAL A 347 -18.24 34.51 -9.25
C VAL A 347 -18.42 35.82 -9.98
N ARG A 348 -17.29 36.47 -10.24
CA ARG A 348 -17.26 37.72 -10.98
C ARG A 348 -15.84 37.99 -11.46
N PRO A 349 -15.70 38.83 -12.48
CA PRO A 349 -14.38 39.18 -13.01
C PRO A 349 -13.44 39.77 -11.98
N THR A 350 -12.15 39.50 -12.14
CA THR A 350 -11.11 40.10 -11.34
C THR A 350 -10.56 41.30 -12.08
N ALA A 351 -10.51 42.45 -11.41
CA ALA A 351 -10.04 43.69 -12.04
C ALA A 351 -8.55 43.66 -12.36
N GLU A 352 -7.73 43.22 -11.41
CA GLU A 352 -6.28 43.18 -11.61
C GLU A 352 -5.83 41.79 -12.04
N LEU A 353 -5.13 41.73 -13.17
CA LEU A 353 -4.55 40.48 -13.68
C LEU A 353 -3.18 40.25 -13.02
N LYS A 354 -3.04 39.11 -12.34
CA LYS A 354 -1.85 38.80 -11.56
C LYS A 354 -1.02 37.66 -12.15
N PHE A 355 -1.53 37.06 -13.23
CA PHE A 355 -0.90 35.90 -13.85
C PHE A 355 -0.43 36.22 -15.26
N GLU A 356 0.82 35.87 -15.56
CA GLU A 356 1.44 36.18 -16.84
C GLU A 356 0.77 35.45 -17.99
N LEU A 357 0.53 36.17 -19.09
CA LEU A 357 0.02 35.56 -20.32
C LEU A 357 1.21 34.96 -21.08
N LYS A 358 1.07 33.71 -21.52
CA LYS A 358 2.19 32.96 -22.11
C LYS A 358 1.97 32.72 -23.60
N GLY B 2 23.25 -38.96 4.99
CA GLY B 2 22.31 -37.85 4.63
C GLY B 2 21.11 -37.86 5.55
N TYR B 3 20.18 -36.94 5.31
CA TYR B 3 19.02 -36.77 6.16
C TYR B 3 17.76 -37.31 5.51
N THR B 4 16.85 -37.78 6.34
CA THR B 4 15.47 -37.96 5.98
C THR B 4 14.76 -36.66 6.30
N VAL B 5 14.21 -36.01 5.28
CA VAL B 5 13.52 -34.76 5.44
C VAL B 5 12.02 -34.93 5.11
N ALA B 6 11.17 -34.44 5.99
CA ALA B 6 9.73 -34.39 5.78
C ALA B 6 9.31 -32.93 5.56
N VAL B 7 8.50 -32.70 4.53
CA VAL B 7 7.83 -31.43 4.30
C VAL B 7 6.36 -31.62 4.68
N VAL B 8 5.93 -30.98 5.76
CA VAL B 8 4.56 -31.00 6.23
C VAL B 8 3.81 -29.80 5.67
N GLY B 9 2.80 -30.08 4.88
CA GLY B 9 2.11 -29.08 4.09
C GLY B 9 2.73 -28.95 2.70
N ALA B 10 3.12 -30.08 2.11
CA ALA B 10 3.84 -30.11 0.83
C ALA B 10 3.02 -29.60 -0.35
N THR B 11 1.69 -29.68 -0.23
CA THR B 11 0.77 -29.32 -1.32
C THR B 11 0.39 -27.84 -1.38
N GLY B 12 0.77 -27.06 -0.37
CA GLY B 12 0.31 -25.68 -0.29
C GLY B 12 1.21 -24.71 -1.03
N ALA B 13 0.94 -23.42 -0.91
CA ALA B 13 1.69 -22.41 -1.65
C ALA B 13 3.15 -22.35 -1.17
N VAL B 14 3.34 -22.38 0.16
CA VAL B 14 4.68 -22.44 0.72
C VAL B 14 5.32 -23.80 0.46
N GLY B 15 4.56 -24.88 0.67
CA GLY B 15 5.03 -26.22 0.45
C GLY B 15 5.65 -26.42 -0.92
N ALA B 16 5.03 -25.88 -1.97
CA ALA B 16 5.52 -26.02 -3.33
C ALA B 16 6.89 -25.38 -3.45
N GLN B 17 7.07 -24.26 -2.77
CA GLN B 17 8.36 -23.57 -2.76
C GLN B 17 9.37 -24.26 -1.84
N MET B 18 8.91 -24.86 -0.75
CA MET B 18 9.81 -25.66 0.11
C MET B 18 10.43 -26.79 -0.72
N ILE B 19 9.62 -27.43 -1.55
CA ILE B 19 10.12 -28.46 -2.45
C ILE B 19 11.18 -27.88 -3.37
N LYS B 20 10.88 -26.74 -3.98
CA LYS B 20 11.80 -26.13 -4.93
C LYS B 20 13.12 -25.75 -4.23
N MET B 21 13.03 -25.20 -3.02
CA MET B 21 14.22 -24.78 -2.30
C MET B 21 15.05 -26.01 -1.86
N LEU B 22 14.38 -27.09 -1.46
CA LEU B 22 15.07 -28.31 -1.07
C LEU B 22 15.73 -28.99 -2.26
N GLU B 23 15.09 -28.95 -3.41
CA GLU B 23 15.65 -29.48 -4.65
C GLU B 23 16.93 -28.75 -5.01
N GLU B 24 16.98 -27.44 -4.70
CA GLU B 24 18.12 -26.61 -5.05
C GLU B 24 19.09 -26.44 -3.87
N SER B 25 18.88 -27.20 -2.80
CA SER B 25 19.60 -27.04 -1.54
C SER B 25 20.89 -27.86 -1.52
N THR B 26 21.85 -27.43 -0.69
CA THR B 26 23.08 -28.20 -0.46
C THR B 26 22.89 -29.34 0.56
N LEU B 27 21.80 -29.27 1.32
CA LEU B 27 21.49 -30.25 2.34
C LEU B 27 21.62 -31.68 1.78
N PRO B 28 22.39 -32.56 2.42
CA PRO B 28 22.48 -33.95 1.99
C PRO B 28 21.20 -34.68 2.35
N ILE B 29 20.40 -35.01 1.34
CA ILE B 29 19.08 -35.58 1.57
C ILE B 29 19.07 -37.00 1.02
N ASP B 30 18.95 -37.97 1.92
CA ASP B 30 18.85 -39.38 1.54
C ASP B 30 17.42 -39.79 1.19
N LYS B 31 16.44 -39.15 1.82
CA LYS B 31 15.03 -39.50 1.66
C LYS B 31 14.13 -38.30 1.91
N ILE B 32 13.16 -38.12 1.03
CA ILE B 32 12.15 -37.07 1.16
C ILE B 32 10.79 -37.70 1.40
N ARG B 33 10.05 -37.14 2.36
CA ARG B 33 8.66 -37.51 2.57
C ARG B 33 7.78 -36.27 2.50
N TYR B 34 6.64 -36.41 1.86
CA TYR B 34 5.67 -35.32 1.74
C TYR B 34 4.45 -35.64 2.57
N LEU B 35 4.12 -34.74 3.49
CA LEU B 35 2.99 -34.93 4.37
C LEU B 35 2.01 -33.79 4.15
N ALA B 36 0.73 -34.09 4.28
CA ALA B 36 -0.29 -33.08 4.20
C ALA B 36 -1.50 -33.56 4.99
N SER B 37 -2.71 -33.15 4.61
CA SER B 37 -3.92 -33.59 5.29
C SER B 37 -4.46 -34.85 4.63
N ALA B 38 -5.55 -35.37 5.20
CA ALA B 38 -6.29 -36.45 4.59
C ALA B 38 -6.75 -36.14 3.16
N ARG B 39 -6.98 -34.86 2.85
CA ARG B 39 -7.46 -34.48 1.50
C ARG B 39 -6.47 -34.85 0.40
N SER B 40 -5.18 -34.69 0.66
CA SER B 40 -4.15 -34.95 -0.35
C SER B 40 -3.49 -36.33 -0.24
N ALA B 41 -3.77 -37.04 0.85
CA ALA B 41 -3.10 -38.31 1.12
C ALA B 41 -3.35 -39.27 -0.04
N GLY B 42 -2.27 -39.89 -0.53
CA GLY B 42 -2.37 -40.86 -1.61
C GLY B 42 -2.08 -40.28 -2.98
N LYS B 43 -2.12 -38.96 -3.09
CA LYS B 43 -1.76 -38.29 -4.32
C LYS B 43 -0.25 -38.27 -4.43
N SER B 44 0.26 -37.80 -5.57
CA SER B 44 1.69 -37.85 -5.87
C SER B 44 2.21 -36.48 -6.23
N LEU B 45 3.40 -36.13 -5.70
CA LEU B 45 4.17 -34.98 -6.16
C LEU B 45 5.62 -35.37 -6.42
N LYS B 46 6.26 -34.64 -7.31
CA LYS B 46 7.66 -34.84 -7.63
C LYS B 46 8.61 -34.27 -6.57
N PHE B 47 9.71 -34.98 -6.35
CA PHE B 47 10.97 -34.41 -5.86
C PHE B 47 11.99 -34.73 -6.94
N LYS B 48 12.42 -33.71 -7.67
CA LYS B 48 13.22 -33.88 -8.89
C LYS B 48 12.47 -34.82 -9.84
N ASP B 49 13.06 -35.94 -10.23
CA ASP B 49 12.40 -36.89 -11.13
C ASP B 49 11.60 -37.97 -10.39
N GLN B 50 11.73 -38.04 -9.07
CA GLN B 50 11.04 -39.05 -8.25
C GLN B 50 9.60 -38.69 -7.94
N ASP B 51 8.70 -39.67 -8.08
CA ASP B 51 7.33 -39.56 -7.62
C ASP B 51 7.27 -39.88 -6.12
N ILE B 52 6.67 -38.98 -5.35
CA ILE B 52 6.57 -39.13 -3.90
C ILE B 52 5.10 -39.16 -3.50
N THR B 53 4.69 -40.22 -2.82
CA THR B 53 3.32 -40.34 -2.35
C THR B 53 3.10 -39.50 -1.11
N ILE B 54 2.08 -38.64 -1.17
CA ILE B 54 1.70 -37.79 -0.06
C ILE B 54 1.06 -38.62 1.04
N GLU B 55 1.47 -38.37 2.28
CA GLU B 55 0.99 -39.11 3.44
C GLU B 55 0.18 -38.19 4.34
N GLU B 56 -0.86 -38.73 4.96
CA GLU B 56 -1.61 -37.97 5.96
C GLU B 56 -0.72 -37.74 7.17
N THR B 57 -0.71 -36.52 7.69
CA THR B 57 0.07 -36.19 8.87
C THR B 57 -0.61 -36.72 10.14
N THR B 58 0.15 -37.44 10.95
CA THR B 58 -0.32 -38.00 12.23
C THR B 58 0.76 -37.89 13.28
N GLU B 59 0.40 -38.17 14.53
CA GLU B 59 1.37 -38.16 15.62
C GLU B 59 2.47 -39.24 15.50
N THR B 60 2.23 -40.27 14.67
CA THR B 60 3.17 -41.39 14.51
C THR B 60 3.89 -41.40 13.17
N ALA B 61 3.80 -40.32 12.41
CA ALA B 61 4.33 -40.28 11.04
C ALA B 61 5.80 -39.86 10.97
N PHE B 62 6.44 -39.60 12.12
CA PHE B 62 7.75 -38.97 12.13
C PHE B 62 8.92 -39.86 12.49
N GLU B 63 8.68 -41.17 12.65
CA GLU B 63 9.77 -42.08 12.96
C GLU B 63 10.79 -42.09 11.80
N GLY B 64 12.06 -41.94 12.15
CA GLY B 64 13.13 -41.98 11.17
C GLY B 64 13.42 -40.66 10.47
N VAL B 65 12.66 -39.61 10.80
CA VAL B 65 12.82 -38.29 10.21
C VAL B 65 13.84 -37.47 11.01
N ASP B 66 14.81 -36.88 10.32
CA ASP B 66 15.80 -36.04 10.96
C ASP B 66 15.35 -34.59 11.04
N ILE B 67 14.75 -34.10 9.95
CA ILE B 67 14.31 -32.70 9.81
C ILE B 67 12.90 -32.68 9.23
N ALA B 68 11.99 -31.95 9.86
CA ALA B 68 10.65 -31.73 9.35
C ALA B 68 10.42 -30.24 9.16
N LEU B 69 10.10 -29.83 7.94
CA LEU B 69 9.68 -28.49 7.65
C LEU B 69 8.16 -28.39 7.70
N PHE B 70 7.63 -27.61 8.63
CA PHE B 70 6.19 -27.47 8.81
C PHE B 70 5.69 -26.18 8.16
N SER B 71 4.76 -26.32 7.23
CA SER B 71 4.06 -25.15 6.70
C SER B 71 2.63 -25.53 6.34
N ALA B 72 1.87 -25.86 7.37
CA ALA B 72 0.53 -26.42 7.22
C ALA B 72 -0.48 -25.78 8.17
N GLY B 73 -0.19 -24.56 8.64
CA GLY B 73 -1.07 -23.83 9.52
C GLY B 73 -0.72 -24.08 10.98
N SER B 74 -1.02 -23.10 11.83
CA SER B 74 -0.77 -23.16 13.27
C SER B 74 -1.31 -24.40 13.96
N SER B 75 -2.54 -24.78 13.61
CA SER B 75 -3.18 -25.94 14.27
C SER B 75 -2.39 -27.21 14.02
N THR B 76 -1.91 -27.40 12.79
CA THR B 76 -1.14 -28.59 12.42
C THR B 76 0.18 -28.64 13.21
N SER B 77 0.86 -27.50 13.33
CA SER B 77 2.08 -27.45 14.11
C SER B 77 1.81 -27.73 15.60
N ALA B 78 0.77 -27.13 16.15
CA ALA B 78 0.42 -27.33 17.56
C ALA B 78 0.16 -28.82 17.85
N LYS B 79 -0.49 -29.47 16.91
CA LYS B 79 -0.90 -30.86 17.08
C LYS B 79 0.26 -31.83 16.94
N TYR B 80 1.09 -31.62 15.91
CA TYR B 80 2.04 -32.65 15.49
C TYR B 80 3.52 -32.33 15.72
N ALA B 81 3.90 -31.05 15.74
CA ALA B 81 5.32 -30.74 15.93
C ALA B 81 5.89 -31.32 17.23
N PRO B 82 5.15 -31.25 18.35
CA PRO B 82 5.64 -31.82 19.60
C PRO B 82 5.87 -33.35 19.54
N TYR B 83 5.04 -34.05 18.76
CA TYR B 83 5.25 -35.48 18.53
C TYR B 83 6.47 -35.76 17.65
N ALA B 84 6.74 -34.88 16.69
CA ALA B 84 7.96 -34.93 15.89
C ALA B 84 9.20 -34.76 16.76
N VAL B 85 9.19 -33.76 17.64
CA VAL B 85 10.30 -33.54 18.57
C VAL B 85 10.48 -34.76 19.48
N LYS B 86 9.39 -35.34 19.95
CA LYS B 86 9.49 -36.54 20.77
C LYS B 86 10.14 -37.70 19.99
N ALA B 87 9.82 -37.81 18.71
CA ALA B 87 10.39 -38.84 17.84
C ALA B 87 11.86 -38.60 17.45
N GLY B 88 12.41 -37.44 17.82
CA GLY B 88 13.82 -37.13 17.60
C GLY B 88 14.07 -36.18 16.45
N VAL B 89 13.02 -35.57 15.92
CA VAL B 89 13.12 -34.69 14.76
C VAL B 89 13.59 -33.29 15.20
N VAL B 90 14.21 -32.55 14.29
CA VAL B 90 14.32 -31.11 14.46
C VAL B 90 13.30 -30.48 13.52
N VAL B 91 12.45 -29.65 14.08
CA VAL B 91 11.33 -29.06 13.37
C VAL B 91 11.69 -27.62 13.04
N VAL B 92 11.54 -27.25 11.77
CA VAL B 92 11.59 -25.86 11.35
C VAL B 92 10.16 -25.46 11.02
N ASP B 93 9.60 -24.53 11.78
CA ASP B 93 8.17 -24.24 11.75
C ASP B 93 7.86 -22.89 11.15
N ASN B 94 7.19 -22.92 10.02
CA ASN B 94 6.63 -21.75 9.39
C ASN B 94 5.17 -21.58 9.79
N THR B 95 4.91 -21.45 11.09
CA THR B 95 3.64 -20.92 11.57
C THR B 95 3.95 -19.96 12.70
N SER B 96 2.93 -19.23 13.12
CA SER B 96 3.04 -18.33 14.26
C SER B 96 3.01 -19.06 15.61
N TYR B 97 2.67 -20.34 15.62
CA TYR B 97 2.27 -20.98 16.87
C TYR B 97 3.32 -20.98 17.99
N PHE B 98 4.55 -21.35 17.65
CA PHE B 98 5.65 -21.43 18.62
C PHE B 98 6.56 -20.19 18.67
N ARG B 99 6.25 -19.16 17.90
CA ARG B 99 7.19 -18.05 17.74
C ARG B 99 7.56 -17.33 19.01
N GLN B 100 6.63 -17.23 19.96
CA GLN B 100 6.85 -16.44 21.19
C GLN B 100 7.12 -17.33 22.40
N ASN B 101 7.35 -18.61 22.16
CA ASN B 101 7.70 -19.56 23.22
C ASN B 101 9.20 -19.35 23.53
N PRO B 102 9.58 -19.08 24.79
CA PRO B 102 10.98 -18.79 25.12
C PRO B 102 11.97 -19.94 24.89
N ASP B 103 11.48 -21.16 24.72
CA ASP B 103 12.28 -22.32 24.39
C ASP B 103 12.47 -22.52 22.89
N VAL B 104 11.94 -21.59 22.09
CA VAL B 104 11.99 -21.68 20.62
C VAL B 104 12.72 -20.47 20.02
N PRO B 105 13.87 -20.70 19.40
CA PRO B 105 14.55 -19.65 18.63
C PRO B 105 13.68 -19.21 17.46
N LEU B 106 13.58 -17.89 17.28
CA LEU B 106 12.83 -17.29 16.19
C LEU B 106 13.85 -16.66 15.25
N VAL B 107 14.14 -17.33 14.15
CA VAL B 107 15.40 -17.08 13.46
C VAL B 107 15.29 -16.59 12.02
N VAL B 108 16.07 -15.54 11.74
CA VAL B 108 16.44 -15.10 10.41
C VAL B 108 17.95 -15.30 10.35
N PRO B 109 18.46 -16.26 9.60
CA PRO B 109 19.88 -16.66 9.70
C PRO B 109 20.92 -15.52 9.65
N GLU B 110 20.65 -14.50 8.85
CA GLU B 110 21.57 -13.37 8.69
C GLU B 110 21.59 -12.47 9.91
N VAL B 111 20.57 -12.54 10.73
CA VAL B 111 20.42 -11.64 11.89
C VAL B 111 20.77 -12.31 13.21
N ASN B 112 20.20 -13.47 13.46
CA ASN B 112 20.33 -14.10 14.78
C ASN B 112 20.50 -15.61 14.73
N ALA B 113 21.39 -16.07 13.85
CA ALA B 113 21.71 -17.49 13.74
C ALA B 113 22.26 -18.08 15.04
N HIS B 114 22.89 -17.24 15.87
CA HIS B 114 23.40 -17.66 17.18
C HIS B 114 22.31 -18.33 18.04
N ALA B 115 21.06 -17.91 17.87
CA ALA B 115 19.95 -18.44 18.65
C ALA B 115 19.66 -19.92 18.36
N LEU B 116 20.09 -20.43 17.20
CA LEU B 116 19.89 -21.84 16.85
C LEU B 116 20.60 -22.81 17.79
N ASP B 117 21.75 -22.41 18.30
CA ASP B 117 22.61 -23.30 19.09
C ASP B 117 21.88 -23.91 20.28
N ALA B 118 21.00 -23.13 20.90
CA ALA B 118 20.28 -23.57 22.10
C ALA B 118 18.89 -24.11 21.81
N HIS B 119 18.64 -24.54 20.58
CA HIS B 119 17.31 -25.03 20.21
C HIS B 119 16.95 -26.31 20.98
N ASN B 120 15.65 -26.50 21.20
CA ASN B 120 15.08 -27.64 21.90
C ASN B 120 14.18 -28.48 20.97
N GLY B 121 14.50 -28.47 19.68
CA GLY B 121 13.84 -29.30 18.70
C GLY B 121 12.87 -28.58 17.77
N ILE B 122 12.54 -27.33 18.08
CA ILE B 122 11.74 -26.48 17.19
C ILE B 122 12.43 -25.13 16.98
N ILE B 123 12.62 -24.79 15.71
CA ILE B 123 13.04 -23.48 15.31
C ILE B 123 11.88 -22.88 14.55
N ALA B 124 11.47 -21.67 14.93
CA ALA B 124 10.38 -20.97 14.23
C ALA B 124 10.94 -19.97 13.21
N CYS B 125 10.33 -19.97 12.04
CA CYS B 125 10.56 -18.99 10.99
C CYS B 125 9.60 -17.83 11.30
N PRO B 126 10.07 -16.58 11.32
CA PRO B 126 9.16 -15.47 11.60
C PRO B 126 8.12 -15.27 10.50
N ASN B 127 7.22 -14.36 10.78
CA ASN B 127 6.24 -13.86 9.83
C ASN B 127 6.97 -13.29 8.60
N CYS B 128 6.43 -13.55 7.41
CA CYS B 128 7.07 -13.10 6.15
C CYS B 128 7.38 -11.61 6.12
N SER B 129 6.40 -10.80 6.48
CA SER B 129 6.58 -9.35 6.48
C SER B 129 7.68 -8.92 7.50
N THR B 130 7.78 -9.66 8.60
CA THR B 130 8.82 -9.40 9.58
C THR B 130 10.21 -9.76 9.08
N ILE B 131 10.34 -10.89 8.39
CA ILE B 131 11.64 -11.37 7.95
C ILE B 131 12.29 -10.33 7.04
N GLN B 132 11.55 -9.87 6.04
CA GLN B 132 12.15 -8.95 5.09
C GLN B 132 12.53 -7.61 5.74
N MET B 133 11.73 -7.18 6.72
CA MET B 133 12.05 -5.96 7.45
C MET B 133 13.33 -6.11 8.29
N MET B 134 13.53 -7.29 8.87
CA MET B 134 14.73 -7.58 9.66
C MET B 134 16.00 -7.62 8.80
N VAL B 135 15.89 -8.18 7.59
CA VAL B 135 17.04 -8.20 6.68
C VAL B 135 17.42 -6.77 6.29
N ALA B 136 16.44 -5.90 6.07
CA ALA B 136 16.73 -4.53 5.68
C ALA B 136 17.27 -3.73 6.86
N LEU B 137 16.76 -3.98 8.06
CA LEU B 137 17.03 -3.08 9.19
C LEU B 137 18.18 -3.50 10.10
N GLU B 138 18.50 -4.78 10.14
CA GLU B 138 19.60 -5.23 10.97
C GLU B 138 20.93 -4.49 10.66
N PRO B 139 21.33 -4.35 9.39
CA PRO B 139 22.58 -3.62 9.08
C PRO B 139 22.54 -2.17 9.57
N VAL B 140 21.34 -1.58 9.61
CA VAL B 140 21.20 -0.22 10.12
C VAL B 140 21.28 -0.19 11.64
N ARG B 141 20.61 -1.13 12.28
CA ARG B 141 20.65 -1.28 13.72
C ARG B 141 22.09 -1.46 14.21
N GLN B 142 22.85 -2.30 13.52
CA GLN B 142 24.21 -2.60 13.94
C GLN B 142 25.08 -1.35 14.03
N LYS B 143 24.85 -0.39 13.15
CA LYS B 143 25.74 0.75 13.06
C LYS B 143 25.20 1.98 13.78
N TRP B 144 23.89 2.18 13.76
CA TRP B 144 23.29 3.42 14.28
C TRP B 144 22.18 3.23 15.31
N GLY B 145 21.80 1.98 15.59
CA GLY B 145 20.74 1.68 16.53
C GLY B 145 19.35 1.87 15.92
N LEU B 146 18.34 1.33 16.60
CA LEU B 146 16.94 1.51 16.24
C LEU B 146 16.16 1.92 17.48
N ASP B 147 15.52 3.08 17.41
CA ASP B 147 14.64 3.55 18.48
C ASP B 147 13.19 3.16 18.20
N ARG B 148 12.73 3.40 16.98
CA ARG B 148 11.36 3.04 16.60
C ARG B 148 11.20 2.69 15.12
N ILE B 149 10.11 2.00 14.84
CA ILE B 149 9.72 1.60 13.51
C ILE B 149 8.25 1.89 13.32
N ILE B 150 7.86 2.53 12.23
CA ILE B 150 6.47 2.55 11.77
C ILE B 150 6.46 1.92 10.39
N VAL B 151 5.66 0.87 10.20
CA VAL B 151 5.60 0.20 8.90
C VAL B 151 4.17 0.12 8.37
N SER B 152 4.01 0.36 7.09
CA SER B 152 2.75 0.09 6.39
C SER B 152 3.09 -0.89 5.26
N THR B 153 2.38 -2.02 5.23
CA THR B 153 2.69 -3.08 4.29
C THR B 153 1.70 -3.14 3.15
N TYR B 154 2.16 -3.82 2.11
CA TYR B 154 1.50 -3.94 0.83
C TYR B 154 1.68 -5.41 0.50
N GLN B 155 0.83 -6.25 1.09
CA GLN B 155 1.07 -7.68 1.11
C GLN B 155 0.32 -8.45 0.02
N ALA B 156 1.05 -9.40 -0.58
CA ALA B 156 0.54 -10.26 -1.64
C ALA B 156 -0.41 -11.34 -1.10
N VAL B 157 -1.35 -11.76 -1.93
CA VAL B 157 -2.37 -12.73 -1.54
C VAL B 157 -1.85 -14.14 -1.30
N SER B 158 -0.70 -14.49 -1.87
CA SER B 158 -0.12 -15.83 -1.66
C SER B 158 0.25 -16.03 -0.19
N GLY B 159 0.40 -14.92 0.52
CA GLY B 159 0.56 -14.94 1.96
C GLY B 159 -0.59 -15.60 2.69
N ALA B 160 -1.79 -15.63 2.08
CA ALA B 160 -2.94 -16.30 2.68
C ALA B 160 -3.22 -17.68 2.10
N GLY B 161 -2.31 -18.20 1.29
CA GLY B 161 -2.38 -19.56 0.79
C GLY B 161 -2.89 -19.72 -0.63
N MET B 162 -2.91 -20.98 -1.08
CA MET B 162 -3.25 -21.33 -2.46
C MET B 162 -4.66 -20.86 -2.82
N GLY B 163 -5.59 -21.12 -1.91
CA GLY B 163 -6.99 -20.76 -2.09
C GLY B 163 -7.17 -19.27 -2.31
N ALA B 164 -6.39 -18.46 -1.60
CA ALA B 164 -6.46 -17.01 -1.76
C ALA B 164 -5.89 -16.54 -3.09
N ILE B 165 -4.85 -17.21 -3.59
CA ILE B 165 -4.34 -16.96 -4.94
C ILE B 165 -5.41 -17.23 -5.98
N LEU B 166 -6.03 -18.40 -5.90
CA LEU B 166 -7.07 -18.77 -6.87
C LEU B 166 -8.27 -17.82 -6.79
N GLU B 167 -8.63 -17.42 -5.58
CA GLU B 167 -9.73 -16.49 -5.34
C GLU B 167 -9.46 -15.15 -6.03
N THR B 168 -8.21 -14.67 -5.94
CA THR B 168 -7.83 -13.40 -6.55
C THR B 168 -7.84 -13.45 -8.06
N GLN B 169 -7.32 -14.54 -8.62
CA GLN B 169 -7.28 -14.69 -10.06
C GLN B 169 -8.68 -14.77 -10.66
N ARG B 170 -9.55 -15.52 -10.02
CA ARG B 170 -10.90 -15.67 -10.51
C ARG B 170 -11.71 -14.38 -10.34
N GLU B 171 -11.52 -13.66 -9.25
CA GLU B 171 -12.18 -12.37 -9.05
C GLU B 171 -11.77 -11.40 -10.16
N LEU B 172 -10.46 -11.32 -10.43
CA LEU B 172 -9.97 -10.42 -11.46
C LEU B 172 -10.46 -10.82 -12.85
N ARG B 173 -10.57 -12.13 -13.09
CA ARG B 173 -11.13 -12.61 -14.35
C ARG B 173 -12.61 -12.27 -14.47
N GLU B 174 -13.34 -12.34 -13.37
CA GLU B 174 -14.76 -11.99 -13.39
C GLU B 174 -14.96 -10.49 -13.68
N VAL B 175 -14.06 -9.65 -13.17
CA VAL B 175 -14.16 -8.22 -13.43
C VAL B 175 -13.77 -7.90 -14.87
N LEU B 176 -12.63 -8.42 -15.30
CA LEU B 176 -12.01 -8.06 -16.57
C LEU B 176 -12.62 -8.75 -17.80
N ASN B 177 -13.01 -10.01 -17.68
CA ASN B 177 -13.57 -10.75 -18.80
C ASN B 177 -15.10 -10.73 -18.80
N ASP B 178 -15.71 -10.83 -17.62
CA ASP B 178 -17.16 -10.93 -17.51
C ASP B 178 -17.86 -9.60 -17.17
N GLY B 179 -17.09 -8.54 -16.91
CA GLY B 179 -17.64 -7.23 -16.63
C GLY B 179 -18.35 -7.07 -15.30
N VAL B 180 -18.00 -7.91 -14.33
CA VAL B 180 -18.55 -7.83 -12.98
C VAL B 180 -17.94 -6.64 -12.24
N LYS B 181 -18.76 -5.88 -11.53
CA LYS B 181 -18.28 -4.77 -10.70
C LYS B 181 -17.56 -5.36 -9.49
N PRO B 182 -16.41 -4.81 -9.09
CA PRO B 182 -15.70 -5.30 -7.90
C PRO B 182 -16.59 -5.46 -6.65
N CYS B 183 -17.52 -4.53 -6.43
CA CYS B 183 -18.45 -4.61 -5.30
C CYS B 183 -19.43 -5.75 -5.32
N ASP B 184 -19.65 -6.32 -6.49
CA ASP B 184 -20.60 -7.43 -6.65
C ASP B 184 -19.92 -8.78 -6.60
N LEU B 185 -18.61 -8.81 -6.43
CA LEU B 185 -17.86 -10.07 -6.33
C LEU B 185 -18.18 -10.77 -5.02
N HIS B 186 -18.25 -12.09 -5.08
CA HIS B 186 -18.42 -12.97 -3.92
C HIS B 186 -17.06 -13.45 -3.47
N ALA B 187 -16.69 -13.18 -2.22
CA ALA B 187 -15.43 -13.66 -1.66
C ALA B 187 -15.73 -14.73 -0.62
N GLU B 188 -14.79 -15.68 -0.46
CA GLU B 188 -14.91 -16.78 0.51
C GLU B 188 -13.73 -16.88 1.50
N ILE B 189 -12.58 -16.29 1.18
CA ILE B 189 -11.36 -16.46 1.97
C ILE B 189 -10.85 -15.11 2.53
N LEU B 190 -10.45 -14.19 1.67
CA LEU B 190 -9.87 -12.92 2.12
C LEU B 190 -10.90 -12.00 2.77
N PRO B 191 -10.50 -11.12 3.70
CA PRO B 191 -9.11 -10.94 4.15
C PRO B 191 -8.51 -12.07 4.97
N SER B 192 -9.34 -12.85 5.66
CA SER B 192 -8.87 -13.85 6.58
C SER B 192 -9.82 -15.02 6.61
N GLY B 193 -9.31 -16.18 6.23
CA GLY B 193 -10.12 -17.37 6.04
C GLY B 193 -10.91 -17.76 7.27
N GLY B 194 -10.32 -17.56 8.45
CA GLY B 194 -10.97 -17.90 9.70
C GLY B 194 -12.01 -16.91 10.19
N ASP B 195 -11.91 -15.64 9.77
CA ASP B 195 -12.81 -14.61 10.28
C ASP B 195 -14.23 -14.73 9.68
N LYS B 196 -15.15 -13.91 10.16
CA LYS B 196 -16.58 -14.11 9.89
C LYS B 196 -17.02 -13.59 8.53
N LYS B 197 -16.41 -12.52 8.06
CA LYS B 197 -16.83 -11.86 6.83
C LYS B 197 -15.70 -11.83 5.82
N HIS B 198 -16.04 -11.98 4.55
CA HIS B 198 -15.06 -11.98 3.47
C HIS B 198 -15.34 -10.91 2.45
N TYR B 199 -14.29 -10.28 1.94
CA TYR B 199 -14.42 -9.16 1.03
C TYR B 199 -13.58 -9.39 -0.22
N PRO B 200 -14.00 -8.85 -1.36
CA PRO B 200 -13.21 -8.90 -2.59
C PRO B 200 -11.87 -8.21 -2.43
N ILE B 201 -10.84 -8.78 -3.06
CA ILE B 201 -9.50 -8.16 -3.13
C ILE B 201 -9.26 -7.51 -4.49
N ALA B 202 -9.93 -8.00 -5.53
CA ALA B 202 -9.79 -7.43 -6.88
C ALA B 202 -10.00 -5.93 -6.87
N PHE B 203 -8.99 -5.18 -7.30
CA PHE B 203 -9.05 -3.70 -7.41
C PHE B 203 -9.38 -3.04 -6.06
N ASN B 204 -8.88 -3.66 -5.01
CA ASN B 204 -9.17 -3.27 -3.65
C ASN B 204 -7.88 -3.29 -2.82
N ALA B 205 -7.97 -2.71 -1.63
CA ALA B 205 -6.87 -2.73 -0.66
C ALA B 205 -7.52 -2.96 0.71
N LEU B 206 -7.27 -4.11 1.29
CA LEU B 206 -7.94 -4.50 2.53
C LEU B 206 -6.99 -4.33 3.72
N PRO B 207 -7.30 -3.38 4.60
CA PRO B 207 -6.47 -3.12 5.78
C PRO B 207 -6.75 -4.13 6.91
N GLN B 208 -6.78 -5.41 6.56
CA GLN B 208 -6.89 -6.49 7.53
C GLN B 208 -6.13 -7.69 7.01
N ILE B 209 -5.18 -8.13 7.80
CA ILE B 209 -4.47 -9.39 7.65
C ILE B 209 -4.53 -10.08 9.00
N ASP B 210 -4.91 -11.35 8.99
CA ASP B 210 -5.25 -12.09 10.22
C ASP B 210 -6.47 -11.46 10.91
N VAL B 211 -6.77 -11.89 12.12
CA VAL B 211 -7.93 -11.40 12.85
C VAL B 211 -7.54 -10.26 13.75
N PHE B 212 -8.53 -9.59 14.31
CA PHE B 212 -8.27 -8.47 15.20
C PHE B 212 -7.98 -8.95 16.61
N THR B 213 -7.06 -8.27 17.28
CA THR B 213 -6.80 -8.52 18.71
C THR B 213 -7.55 -7.46 19.50
N ASP B 214 -7.52 -7.59 20.83
CA ASP B 214 -8.29 -6.69 21.69
C ASP B 214 -7.72 -5.26 21.81
N ASN B 215 -6.60 -4.94 21.15
CA ASN B 215 -6.10 -3.57 21.10
C ASN B 215 -6.38 -2.85 19.77
N ASP B 216 -7.21 -3.48 18.93
CA ASP B 216 -7.62 -2.97 17.60
C ASP B 216 -6.55 -3.02 16.50
N TYR B 217 -5.35 -3.50 16.82
CA TYR B 217 -4.41 -3.94 15.80
C TYR B 217 -4.73 -5.39 15.48
N THR B 218 -4.44 -5.80 14.26
CA THR B 218 -4.60 -7.21 13.90
C THR B 218 -3.44 -8.03 14.42
N TYR B 219 -3.63 -9.35 14.42
CA TYR B 219 -2.58 -10.25 14.85
C TYR B 219 -1.35 -10.10 13.94
N GLU B 220 -1.55 -9.81 12.66
CA GLU B 220 -0.42 -9.60 11.73
C GLU B 220 0.42 -8.41 12.15
N GLU B 221 -0.24 -7.34 12.54
CA GLU B 221 0.43 -6.11 12.96
C GLU B 221 1.16 -6.37 14.28
N MET B 222 0.53 -7.10 15.21
CA MET B 222 1.14 -7.38 16.51
C MET B 222 2.30 -8.37 16.41
N LYS B 223 2.24 -9.25 15.42
CA LYS B 223 3.37 -10.14 15.13
C LYS B 223 4.60 -9.38 14.69
N MET B 224 4.42 -8.36 13.86
CA MET B 224 5.54 -7.56 13.39
C MET B 224 6.18 -6.87 14.58
N THR B 225 5.35 -6.42 15.51
CA THR B 225 5.81 -5.80 16.74
C THR B 225 6.59 -6.76 17.64
N LYS B 226 5.97 -7.88 18.01
CA LYS B 226 6.56 -8.80 18.98
C LYS B 226 7.73 -9.57 18.40
N GLU B 227 7.61 -9.99 17.16
CA GLU B 227 8.67 -10.76 16.50
C GLU B 227 9.93 -9.93 16.33
N THR B 228 9.77 -8.65 16.00
CA THR B 228 10.90 -7.75 15.83
C THR B 228 11.71 -7.69 17.12
N LYS B 229 10.98 -7.52 18.22
CA LYS B 229 11.61 -7.38 19.53
C LYS B 229 12.37 -8.65 19.91
N LYS B 230 11.82 -9.82 19.58
CA LYS B 230 12.48 -11.10 19.88
C LYS B 230 13.71 -11.34 18.99
N ILE B 231 13.56 -11.12 17.69
CA ILE B 231 14.64 -11.38 16.74
C ILE B 231 15.83 -10.47 17.05
N MET B 232 15.54 -9.19 17.31
CA MET B 232 16.61 -8.22 17.61
C MET B 232 16.98 -8.19 19.09
N GLU B 233 16.34 -9.03 19.90
CA GLU B 233 16.64 -9.16 21.32
C GLU B 233 16.68 -7.79 21.98
N ASP B 234 15.64 -7.00 21.74
CA ASP B 234 15.54 -5.64 22.21
C ASP B 234 14.08 -5.22 22.35
N ASP B 235 13.53 -5.37 23.55
CA ASP B 235 12.16 -4.97 23.87
C ASP B 235 11.92 -3.45 23.83
N SER B 236 12.98 -2.66 23.84
CA SER B 236 12.86 -1.21 23.81
C SER B 236 12.57 -0.63 22.42
N ILE B 237 12.70 -1.43 21.36
CA ILE B 237 12.38 -0.93 20.02
C ILE B 237 10.84 -0.78 19.92
N ALA B 238 10.40 0.45 19.71
CA ALA B 238 8.97 0.73 19.48
C ALA B 238 8.61 0.36 18.04
N VAL B 239 7.57 -0.43 17.88
CA VAL B 239 7.12 -0.90 16.59
C VAL B 239 5.61 -0.88 16.52
N SER B 240 5.09 -0.14 15.55
CA SER B 240 3.67 -0.15 15.21
C SER B 240 3.53 -0.35 13.70
N ALA B 241 2.55 -1.15 13.33
CA ALA B 241 2.36 -1.60 11.95
C ALA B 241 0.91 -1.42 11.50
N THR B 242 0.76 -1.15 10.21
CA THR B 242 -0.51 -1.27 9.50
C THR B 242 -0.29 -2.26 8.36
N CYS B 243 -1.07 -3.34 8.35
CA CYS B 243 -0.88 -4.42 7.42
C CYS B 243 -2.06 -4.52 6.45
N VAL B 244 -1.76 -4.39 5.17
CA VAL B 244 -2.79 -4.25 4.13
C VAL B 244 -2.54 -5.24 3.03
N ARG B 245 -3.59 -5.97 2.67
CA ARG B 245 -3.57 -6.85 1.52
C ARG B 245 -3.90 -6.07 0.23
N ILE B 246 -3.09 -6.24 -0.79
CA ILE B 246 -3.37 -5.66 -2.10
C ILE B 246 -3.37 -6.73 -3.19
N PRO B 247 -3.87 -6.41 -4.40
CA PRO B 247 -3.96 -7.37 -5.51
C PRO B 247 -2.61 -7.63 -6.21
N VAL B 248 -1.74 -8.30 -5.48
CA VAL B 248 -0.44 -8.80 -5.95
C VAL B 248 -0.45 -10.29 -5.57
N LEU B 249 -0.03 -11.16 -6.48
CA LEU B 249 -0.02 -12.59 -6.17
C LEU B 249 1.13 -12.96 -5.26
N SER B 250 2.33 -12.51 -5.58
CA SER B 250 3.53 -12.81 -4.81
C SER B 250 4.44 -11.60 -4.64
N ALA B 251 5.08 -11.57 -3.48
CA ALA B 251 6.03 -10.56 -3.03
C ALA B 251 5.35 -9.46 -2.24
N HIS B 252 5.77 -9.32 -0.99
CA HIS B 252 5.31 -8.25 -0.11
C HIS B 252 6.20 -7.03 -0.32
N SER B 253 5.58 -5.86 -0.25
CA SER B 253 6.32 -4.60 -0.20
C SER B 253 5.99 -3.86 1.09
N GLU B 254 6.93 -3.08 1.59
CA GLU B 254 6.72 -2.33 2.83
C GLU B 254 7.27 -0.92 2.74
N SER B 255 6.46 0.05 3.16
CA SER B 255 6.93 1.39 3.45
C SER B 255 7.35 1.44 4.92
N VAL B 256 8.65 1.57 5.14
CA VAL B 256 9.23 1.45 6.47
C VAL B 256 9.78 2.79 6.89
N TYR B 257 9.40 3.25 8.07
CA TYR B 257 9.97 4.43 8.67
C TYR B 257 10.70 4.00 9.93
N ILE B 258 11.91 4.49 10.11
CA ILE B 258 12.67 4.24 11.32
C ILE B 258 13.20 5.54 11.87
N GLU B 259 13.43 5.55 13.18
CA GLU B 259 14.32 6.54 13.77
C GLU B 259 15.45 5.77 14.41
N THR B 260 16.68 6.12 14.05
CA THR B 260 17.89 5.50 14.58
C THR B 260 18.22 6.16 15.91
N LYS B 261 19.17 5.60 16.64
CA LYS B 261 19.66 6.20 17.89
C LYS B 261 20.69 7.32 17.61
N GLU B 262 21.51 7.11 16.58
CA GLU B 262 22.46 8.11 16.12
C GLU B 262 22.14 8.45 14.68
N VAL B 263 22.45 9.67 14.27
CA VAL B 263 22.20 10.08 12.89
C VAL B 263 22.93 9.14 11.94
N ALA B 264 22.21 8.62 10.96
CA ALA B 264 22.74 7.65 10.01
C ALA B 264 22.71 8.30 8.64
N PRO B 265 23.87 8.73 8.14
CA PRO B 265 23.95 9.36 6.81
C PRO B 265 23.41 8.42 5.74
N ILE B 266 22.55 8.93 4.88
CA ILE B 266 21.84 8.07 3.92
C ILE B 266 22.79 7.32 2.99
N GLU B 267 23.85 7.97 2.53
CA GLU B 267 24.78 7.30 1.64
C GLU B 267 25.47 6.12 2.36
N GLU B 268 25.69 6.25 3.67
CA GLU B 268 26.26 5.16 4.47
C GLU B 268 25.24 4.06 4.78
N VAL B 269 23.99 4.44 4.93
CA VAL B 269 22.92 3.48 5.16
C VAL B 269 22.78 2.61 3.92
N LYS B 270 22.80 3.24 2.76
CA LYS B 270 22.73 2.53 1.49
C LYS B 270 23.86 1.51 1.38
N ALA B 271 25.09 1.93 1.73
CA ALA B 271 26.24 1.05 1.67
C ALA B 271 26.13 -0.13 2.63
N ALA B 272 25.62 0.12 3.83
CA ALA B 272 25.52 -0.89 4.88
C ALA B 272 24.50 -1.95 4.50
N ILE B 273 23.39 -1.50 3.93
CA ILE B 273 22.37 -2.43 3.47
C ILE B 273 22.92 -3.25 2.30
N ALA B 274 23.60 -2.61 1.35
CA ALA B 274 24.16 -3.34 0.21
C ALA B 274 25.14 -4.44 0.66
N ALA B 275 25.89 -4.16 1.73
CA ALA B 275 26.93 -5.06 2.22
C ALA B 275 26.39 -6.17 3.11
N PHE B 276 25.10 -6.13 3.40
CA PHE B 276 24.52 -7.06 4.34
C PHE B 276 24.03 -8.31 3.60
N PRO B 277 24.42 -9.50 4.05
CA PRO B 277 23.97 -10.74 3.38
C PRO B 277 22.46 -10.83 3.30
N GLY B 278 21.93 -11.13 2.11
CA GLY B 278 20.51 -11.30 1.92
C GLY B 278 19.75 -10.04 1.54
N ALA B 279 20.41 -8.89 1.60
CA ALA B 279 19.86 -7.60 1.21
C ALA B 279 20.58 -7.08 -0.02
N VAL B 280 19.81 -6.60 -1.00
CA VAL B 280 20.32 -6.01 -2.22
C VAL B 280 19.77 -4.60 -2.30
N LEU B 281 20.66 -3.64 -2.53
CA LEU B 281 20.28 -2.25 -2.74
C LEU B 281 19.80 -2.09 -4.17
N GLU B 282 18.54 -1.71 -4.34
CA GLU B 282 18.01 -1.28 -5.63
C GLU B 282 17.55 0.15 -5.44
N ASP B 283 18.46 1.08 -5.64
CA ASP B 283 18.19 2.48 -5.29
C ASP B 283 19.00 3.43 -6.15
N ASP B 284 18.38 3.86 -7.24
CA ASP B 284 19.00 4.83 -8.15
C ASP B 284 17.86 5.61 -8.78
N VAL B 285 17.38 6.65 -8.10
CA VAL B 285 16.18 7.36 -8.52
C VAL B 285 16.38 8.13 -9.82
N ALA B 286 17.62 8.47 -10.18
CA ALA B 286 17.92 9.12 -11.46
C ALA B 286 17.54 8.24 -12.64
N HIS B 287 17.50 6.94 -12.43
CA HIS B 287 17.07 6.00 -13.47
C HIS B 287 15.86 5.18 -13.01
N GLN B 288 15.08 5.74 -12.10
CA GLN B 288 13.85 5.12 -11.59
C GLN B 288 14.05 3.66 -11.15
N ILE B 289 15.12 3.44 -10.39
CA ILE B 289 15.41 2.12 -9.86
C ILE B 289 14.98 2.08 -8.39
N TYR B 290 14.08 1.13 -8.10
CA TYR B 290 13.61 0.88 -6.77
C TYR B 290 13.07 -0.56 -6.75
N PRO B 291 12.96 -1.18 -5.58
CA PRO B 291 12.40 -2.52 -5.51
C PRO B 291 10.97 -2.57 -6.05
N GLN B 292 10.64 -3.65 -6.74
CA GLN B 292 9.28 -3.89 -7.23
C GLN B 292 8.91 -5.34 -6.99
N ALA B 293 7.72 -5.57 -6.45
CA ALA B 293 7.17 -6.93 -6.25
C ALA B 293 7.43 -7.83 -7.46
N ILE B 294 7.10 -7.36 -8.67
CA ILE B 294 7.20 -8.22 -9.84
C ILE B 294 8.66 -8.62 -10.14
N ASN B 295 9.61 -7.79 -9.74
CA ASN B 295 11.03 -8.12 -9.94
C ASN B 295 11.60 -9.05 -8.86
N ALA B 296 11.05 -8.97 -7.65
CA ALA B 296 11.53 -9.74 -6.52
C ALA B 296 11.08 -11.20 -6.62
N VAL B 297 9.97 -11.45 -7.31
CA VAL B 297 9.43 -12.80 -7.40
C VAL B 297 10.50 -13.72 -7.95
N GLY B 298 10.70 -14.86 -7.28
CA GLY B 298 11.64 -15.87 -7.72
C GLY B 298 13.07 -15.68 -7.21
N SER B 299 13.34 -14.58 -6.52
CA SER B 299 14.65 -14.33 -5.94
C SER B 299 14.60 -14.53 -4.42
N ARG B 300 15.68 -15.09 -3.87
CA ARG B 300 15.84 -15.29 -2.42
C ARG B 300 16.27 -14.02 -1.70
N ASP B 301 16.68 -13.02 -2.45
CA ASP B 301 17.12 -11.76 -1.86
C ASP B 301 15.96 -10.85 -1.44
N THR B 302 16.28 -9.93 -0.53
CA THR B 302 15.39 -8.89 -0.09
C THR B 302 15.91 -7.57 -0.70
N PHE B 303 15.03 -6.81 -1.33
CA PHE B 303 15.43 -5.60 -2.07
C PHE B 303 14.99 -4.33 -1.38
N VAL B 304 15.92 -3.37 -1.27
CA VAL B 304 15.69 -2.14 -0.51
C VAL B 304 16.05 -0.92 -1.33
N GLY B 305 15.14 0.05 -1.33
CA GLY B 305 15.37 1.33 -1.99
C GLY B 305 14.48 2.42 -1.43
N ARG B 306 14.26 3.45 -2.25
CA ARG B 306 13.63 4.71 -1.85
C ARG B 306 14.20 5.23 -0.53
N ILE B 307 15.47 5.00 -0.28
CA ILE B 307 16.06 5.33 1.00
C ILE B 307 16.30 6.83 1.05
N ARG B 308 15.79 7.45 2.09
CA ARG B 308 15.85 8.91 2.18
C ARG B 308 15.53 9.35 3.60
N LYS B 309 16.12 10.47 4.01
CA LYS B 309 15.86 11.00 5.32
C LYS B 309 14.47 11.61 5.39
N ASP B 310 13.87 11.53 6.56
CA ASP B 310 12.66 12.27 6.89
C ASP B 310 12.89 13.76 6.64
N LEU B 311 11.86 14.46 6.25
CA LEU B 311 11.95 15.89 5.97
C LEU B 311 12.14 16.77 7.21
N ASP B 312 11.89 16.23 8.41
CA ASP B 312 11.95 17.02 9.66
C ASP B 312 12.69 16.37 10.82
N ALA B 313 12.44 15.08 11.03
CA ALA B 313 13.04 14.32 12.11
C ALA B 313 14.49 14.02 11.75
N GLU B 314 15.40 14.53 12.57
CA GLU B 314 16.84 14.38 12.33
C GLU B 314 17.28 12.91 12.13
N LYS B 315 16.72 12.00 12.94
CA LYS B 315 17.13 10.61 12.95
C LYS B 315 16.17 9.70 12.18
N GLY B 316 15.22 10.32 11.47
CA GLY B 316 14.21 9.59 10.71
C GLY B 316 14.68 9.24 9.32
N ILE B 317 14.31 8.03 8.88
CA ILE B 317 14.64 7.51 7.56
C ILE B 317 13.46 6.71 7.01
N HIS B 318 13.14 6.92 5.75
CA HIS B 318 12.12 6.14 5.06
C HIS B 318 12.75 5.23 4.03
N MET B 319 12.15 4.08 3.81
CA MET B 319 12.60 3.16 2.78
C MET B 319 11.47 2.25 2.28
N TRP B 320 11.78 1.51 1.22
CA TRP B 320 10.83 0.61 0.55
C TRP B 320 11.54 -0.74 0.50
N VAL B 321 10.90 -1.76 1.07
CA VAL B 321 11.49 -3.09 1.19
C VAL B 321 10.54 -4.09 0.49
N VAL B 322 11.10 -4.87 -0.42
CA VAL B 322 10.34 -5.90 -1.14
C VAL B 322 11.05 -7.25 -1.08
N SER B 323 10.29 -8.32 -0.82
CA SER B 323 10.82 -9.68 -0.97
C SER B 323 9.71 -10.66 -1.33
N ASP B 324 10.10 -11.76 -1.96
CA ASP B 324 9.18 -12.84 -2.30
C ASP B 324 8.75 -13.51 -0.99
N ASN B 325 7.48 -13.38 -0.68
CA ASN B 325 6.97 -13.85 0.62
C ASN B 325 6.97 -15.37 0.74
N LEU B 326 7.00 -16.07 -0.39
CA LEU B 326 7.11 -17.52 -0.37
C LEU B 326 8.55 -18.01 -0.31
N LEU B 327 9.51 -17.15 -0.65
CA LEU B 327 10.91 -17.54 -0.59
C LEU B 327 11.56 -17.04 0.69
N LYS B 328 12.20 -15.86 0.70
CA LYS B 328 12.79 -15.39 1.96
C LYS B 328 11.73 -15.28 3.08
N GLY B 329 10.49 -14.96 2.72
CA GLY B 329 9.42 -14.87 3.67
C GLY B 329 8.97 -16.19 4.27
N ALA B 330 9.33 -17.33 3.68
CA ALA B 330 8.92 -18.64 4.18
C ALA B 330 9.88 -19.78 3.82
N ALA B 331 9.77 -20.31 2.60
CA ALA B 331 10.45 -21.54 2.24
C ALA B 331 11.97 -21.42 2.21
N TRP B 332 12.49 -20.34 1.62
CA TRP B 332 13.93 -20.11 1.63
C TRP B 332 14.44 -19.86 3.05
N ASN B 333 13.75 -19.06 3.86
CA ASN B 333 14.21 -18.85 5.22
C ASN B 333 14.28 -20.18 5.98
N SER B 334 13.27 -21.03 5.77
CA SER B 334 13.20 -22.34 6.40
C SER B 334 14.34 -23.26 5.95
N VAL B 335 14.56 -23.35 4.63
CA VAL B 335 15.64 -24.19 4.12
C VAL B 335 17.00 -23.61 4.53
N GLN B 336 17.13 -22.28 4.55
CA GLN B 336 18.34 -21.64 5.02
C GLN B 336 18.60 -22.03 6.49
N ILE B 337 17.55 -22.07 7.30
CA ILE B 337 17.70 -22.48 8.69
C ILE B 337 18.21 -23.93 8.71
N ALA B 338 17.60 -24.81 7.93
CA ALA B 338 18.03 -26.22 7.91
C ALA B 338 19.49 -26.36 7.48
N GLU B 339 19.90 -25.59 6.47
CA GLU B 339 21.30 -25.60 6.04
C GLU B 339 22.22 -25.14 7.18
N THR B 340 21.80 -24.13 7.93
CA THR B 340 22.60 -23.59 9.02
C THR B 340 22.68 -24.59 10.16
N LEU B 341 21.58 -25.27 10.46
CA LEU B 341 21.59 -26.34 11.46
C LEU B 341 22.59 -27.44 11.09
N HIS B 342 22.61 -27.83 9.82
CA HIS B 342 23.52 -28.87 9.37
C HIS B 342 24.99 -28.43 9.51
N GLU B 343 25.29 -27.22 9.07
CA GLU B 343 26.63 -26.60 9.18
C GLU B 343 27.16 -26.61 10.61
N ARG B 344 26.26 -26.39 11.56
CA ARG B 344 26.60 -26.24 12.98
C ARG B 344 26.44 -27.52 13.78
N GLY B 345 26.18 -28.63 13.10
CA GLY B 345 26.04 -29.92 13.74
C GLY B 345 24.84 -30.01 14.68
N LEU B 346 23.78 -29.27 14.35
CA LEU B 346 22.60 -29.14 15.21
C LEU B 346 21.41 -30.00 14.78
N VAL B 347 21.58 -30.82 13.76
CA VAL B 347 20.51 -31.74 13.35
C VAL B 347 20.70 -33.01 14.15
N ARG B 348 20.02 -33.05 15.29
CA ARG B 348 20.03 -34.24 16.15
C ARG B 348 18.89 -34.17 17.16
N PRO B 349 18.48 -35.32 17.68
CA PRO B 349 17.35 -35.38 18.62
C PRO B 349 17.59 -34.55 19.87
N THR B 350 16.49 -34.04 20.43
CA THR B 350 16.49 -33.35 21.72
C THR B 350 16.00 -34.33 22.78
N ALA B 351 16.84 -34.57 23.79
CA ALA B 351 16.53 -35.53 24.85
C ALA B 351 15.27 -35.15 25.64
N GLU B 352 15.16 -33.88 26.00
CA GLU B 352 14.11 -33.40 26.89
C GLU B 352 13.00 -32.74 26.10
N LEU B 353 11.78 -33.24 26.26
CA LEU B 353 10.64 -32.65 25.57
C LEU B 353 10.18 -31.41 26.33
N LYS B 354 10.13 -30.27 25.64
CA LYS B 354 9.76 -29.01 26.27
C LYS B 354 8.41 -28.51 25.78
N PHE B 355 7.72 -29.32 24.98
CA PHE B 355 6.49 -28.91 24.34
C PHE B 355 5.36 -29.87 24.67
N GLU B 356 4.20 -29.29 25.02
CA GLU B 356 3.04 -30.06 25.42
C GLU B 356 2.54 -30.90 24.27
N LEU B 357 2.20 -32.15 24.56
CA LEU B 357 1.56 -33.03 23.61
C LEU B 357 0.05 -32.83 23.66
N LYS B 358 -0.57 -32.58 22.52
CA LYS B 358 -2.00 -32.26 22.46
C LYS B 358 -2.83 -33.46 22.02
#